data_5A56
#
_entry.id   5A56
#
_cell.length_a   86.713
_cell.length_b   121.764
_cell.length_c   139.429
_cell.angle_alpha   90.00
_cell.angle_beta   90.00
_cell.angle_gamma   90.00
#
_symmetry.space_group_name_H-M   'P 2 21 21'
#
loop_
_entity.id
_entity.type
_entity.pdbx_description
1 polymer ENDO-ALPHA-N-ACETYLGALACTOSAMINIDASE
2 branched 'beta-D-galactopyranose-(1-3)-methyl 2-acetamido-2-deoxy-alpha-D-galactopyranoside'
3 non-polymer 'CALCIUM ION'
4 non-polymer 'MANGANESE (II) ION'
5 non-polymer 'CITRIC ACID'
6 non-polymer 1,2-ETHANEDIOL
7 water water
#
_entity_poly.entity_id   1
_entity_poly.type   'polypeptide(L)'
_entity_poly.pdbx_seq_one_letter_code
;MEKETGPEVDDSKVTYDTIQSKVLKAVIDQAFPRVKEYSLNGHTLPGQVQQFNQVFINNHRITPEVTYKKINETTAEYLM
KLRDDAHLINAEMTVRLQVVDNQLHFDVTKIVNHNQVTPGQKIDDESKLLSSISFLGNALVSVSSDQTGAKFDGATMSNN
THVSGDDHIDVTNPMKDLAKGYMYGFVSTDKLAAGVWSNSQNSYGGGSNDWTRLTAYKETVGNANYVGIHSSEWQWEKAY
KGIVFPEYTKELPSAKVVITEDANADKNVDWQDGAIAYRSIMNNPQGWEKVKDITAYRIAMNFGSQAQNPFLMTLDGIKK
INLHTDGLGQGVLLKGYGSEGHDSGHLNYADIGKRIGGVEDFKTLIEKAKKYGAHLGIHVNASETYPESKYFNEKILRKN
PDGSYSYGWNWLDQGINIDAAYDLAHGRLARWEDLKKKLGDGLDFIYVDVWGNGQSGDNGAWATHVLAKEINKQGWRFAI
EWGHGGEYDSTFHHWAADLTYGGYTNKGINSAITRFIRNHQKDAWVGDYRSYGGAANYPLLGGYSMKDFEGWQGRSDYNG
YVTNLFAHDVMTKYFQHFTVSKWENGTPVTMTDNGSTYKWTPEMRVELVDADNNKVVVTRKSNDVNSPQYRERTVTLNGR
VIQDGSAYLTPWNWDANGKKLSTDKEKMYYFNTQAGATTWTLPSDWAKSKVYLYKLTDQGKTEEQELTVKDGKITLDLLA
NQPYVLYRSKQTNPEMSWSEGMHIYDQGFNSGTLKHWTISGDASKAEIVKSQGANDMLRIQGNKEKVSLTQKLTGLKPNT
KYAVYVGVDNRSNAKASITVNTGEKEVTTYTNKSLALNYVKAYAHNTRRNNATVDDTSYFQNMYAFFTTGADVSNVTLTL
SREAGDEATYFDEIRTFENNSSMYGDKHDTGKGTFKQDFENVAQGIFPFVVGGVEGVEDNRTHLSEKHDPYTQRGWNGKK
VDDVIEGNWSLKTNGLVSRRNLVYQTIPQNFRFEAGKTYRVTFEYEAGSDNTYAFVVGKGEFQSGRRGTQASNLEMHELP
NTWTDSKKAKKATFLVTGAETGDTWVGIYSTGNASNTRGDSGGNANFRGYNDFMMDNLQIEEITLTGKMLTHHHHHH
;
_entity_poly.pdbx_strand_id   A
#
loop_
_chem_comp.id
_chem_comp.type
_chem_comp.name
_chem_comp.formula
CA non-polymer 'CALCIUM ION' 'Ca 2'
CIT non-polymer 'CITRIC ACID' 'C6 H8 O7'
EDO non-polymer 1,2-ETHANEDIOL 'C2 H6 O2'
GAL D-saccharide, beta linking beta-D-galactopyranose 'C6 H12 O6'
MGC D-saccharide 'methyl 2-acetamido-2-deoxy-alpha-D-galactopyranoside' 'C9 H17 N O6'
MN non-polymer 'MANGANESE (II) ION' 'Mn 2'
#
# COMPACT_ATOMS: atom_id res chain seq x y z
N MET A 1 -23.52 -30.92 33.19
CA MET A 1 -22.48 -30.45 34.15
C MET A 1 -23.13 -30.09 35.49
N GLU A 2 -22.48 -30.47 36.58
CA GLU A 2 -22.99 -30.18 37.93
C GLU A 2 -22.43 -28.84 38.41
N LYS A 3 -23.14 -28.16 39.30
CA LYS A 3 -22.64 -26.95 39.99
C LYS A 3 -21.22 -27.14 40.51
N GLU A 4 -20.33 -26.19 40.21
CA GLU A 4 -18.92 -26.36 40.51
C GLU A 4 -18.57 -25.67 41.81
N THR A 5 -17.50 -26.12 42.46
CA THR A 5 -17.01 -25.46 43.69
C THR A 5 -15.51 -25.41 43.66
N GLY A 6 -14.94 -24.45 44.37
CA GLY A 6 -13.50 -24.36 44.52
C GLY A 6 -13.17 -23.87 45.92
N PRO A 7 -11.88 -23.70 46.24
CA PRO A 7 -11.56 -23.25 47.60
C PRO A 7 -12.14 -21.88 47.89
N GLU A 8 -12.61 -21.67 49.11
CA GLU A 8 -13.03 -20.34 49.55
C GLU A 8 -11.78 -19.58 49.83
N VAL A 9 -11.92 -18.31 50.19
CA VAL A 9 -10.78 -17.44 50.39
C VAL A 9 -10.60 -17.13 51.87
N ASP A 10 -9.41 -17.44 52.40
CA ASP A 10 -9.03 -17.09 53.76
C ASP A 10 -8.06 -15.92 53.67
N ASP A 11 -8.52 -14.70 53.94
CA ASP A 11 -7.60 -13.53 53.85
C ASP A 11 -7.10 -13.05 55.23
N SER A 12 -7.03 -13.97 56.21
CA SER A 12 -6.55 -13.61 57.55
C SER A 12 -5.09 -13.15 57.57
N LYS A 13 -4.26 -13.63 56.63
CA LYS A 13 -2.86 -13.22 56.58
C LYS A 13 -2.61 -12.07 55.60
N VAL A 14 -3.68 -11.46 55.10
CA VAL A 14 -3.51 -10.46 54.03
C VAL A 14 -3.76 -9.07 54.61
N THR A 15 -2.89 -8.12 54.28
CA THR A 15 -3.07 -6.71 54.62
C THR A 15 -3.45 -5.96 53.35
N TYR A 16 -4.69 -5.49 53.28
CA TYR A 16 -5.13 -4.68 52.15
C TYR A 16 -4.99 -3.18 52.40
N ASP A 17 -4.81 -2.41 51.34
CA ASP A 17 -4.89 -0.95 51.39
C ASP A 17 -5.93 -0.51 50.34
N THR A 18 -6.21 0.78 50.24
CA THR A 18 -7.10 1.24 49.18
C THR A 18 -6.47 2.43 48.50
N ILE A 19 -6.65 2.53 47.18
CA ILE A 19 -6.32 3.73 46.45
C ILE A 19 -7.61 4.13 45.76
N GLN A 20 -7.82 5.43 45.56
CA GLN A 20 -9.10 5.86 45.01
C GLN A 20 -9.01 7.21 44.39
N SER A 21 -9.79 7.37 43.33
CA SER A 21 -10.05 8.68 42.79
C SER A 21 -11.36 9.17 43.44
N LYS A 22 -11.97 10.21 42.88
CA LYS A 22 -13.30 10.61 43.32
C LYS A 22 -14.40 9.65 42.91
N VAL A 23 -14.16 8.79 41.92
CA VAL A 23 -15.25 7.95 41.40
C VAL A 23 -14.99 6.44 41.55
N LEU A 24 -13.73 6.04 41.69
CA LEU A 24 -13.37 4.61 41.68
C LEU A 24 -12.45 4.30 42.85
N LYS A 25 -12.81 3.28 43.61
CA LYS A 25 -11.97 2.83 44.71
C LYS A 25 -11.48 1.44 44.37
N ALA A 26 -10.20 1.17 44.62
CA ALA A 26 -9.62 -0.15 44.38
C ALA A 26 -8.98 -0.66 45.67
N VAL A 27 -9.39 -1.85 46.12
CA VAL A 27 -8.78 -2.48 47.28
C VAL A 27 -7.59 -3.32 46.78
N ILE A 28 -6.40 -3.05 47.33
CA ILE A 28 -5.17 -3.63 46.78
C ILE A 28 -4.40 -4.34 47.87
N ASP A 29 -3.72 -5.42 47.52
CA ASP A 29 -2.94 -6.17 48.48
C ASP A 29 -1.63 -5.43 48.68
N GLN A 30 -1.21 -5.24 49.93
CA GLN A 30 0.14 -4.69 50.15
C GLN A 30 1.26 -5.68 49.84
N ALA A 31 0.94 -6.97 49.73
CA ALA A 31 1.96 -8.01 49.52
C ALA A 31 2.33 -8.16 48.04
N PHE A 32 1.51 -7.64 47.14
CA PHE A 32 1.61 -8.01 45.71
C PHE A 32 0.69 -7.07 44.95
N PRO A 33 1.08 -6.63 43.72
CA PRO A 33 0.23 -5.65 43.04
C PRO A 33 -1.03 -6.31 42.42
N ARG A 34 -1.99 -6.57 43.29
CA ARG A 34 -3.23 -7.25 42.99
C ARG A 34 -4.36 -6.36 43.47
N VAL A 35 -5.37 -6.19 42.61
CA VAL A 35 -6.62 -5.53 43.01
C VAL A 35 -7.63 -6.63 43.40
N LYS A 36 -8.11 -6.59 44.64
CA LYS A 36 -9.12 -7.54 45.10
C LYS A 36 -10.47 -7.19 44.51
N GLU A 37 -10.78 -5.91 44.45
CA GLU A 37 -12.12 -5.49 44.09
C GLU A 37 -12.20 -3.99 43.82
N TYR A 38 -13.12 -3.61 42.94
CA TYR A 38 -13.35 -2.21 42.58
C TYR A 38 -14.75 -1.77 42.99
N SER A 39 -14.89 -0.50 43.37
CA SER A 39 -16.20 0.07 43.64
CA SER A 39 -16.20 0.08 43.65
CA SER A 39 -16.21 0.06 43.61
C SER A 39 -16.38 1.39 42.89
N LEU A 40 -17.53 1.55 42.23
CA LEU A 40 -17.86 2.77 41.53
C LEU A 40 -19.39 2.96 41.63
N ASN A 41 -19.79 4.15 42.11
CA ASN A 41 -21.19 4.50 42.31
C ASN A 41 -21.98 3.44 43.08
N GLY A 42 -21.33 2.85 44.08
CA GLY A 42 -21.99 1.87 44.96
C GLY A 42 -22.10 0.47 44.35
N HIS A 43 -21.53 0.27 43.17
CA HIS A 43 -21.50 -1.04 42.48
C HIS A 43 -20.09 -1.61 42.50
N THR A 44 -19.95 -2.92 42.35
CA THR A 44 -18.62 -3.52 42.44
CA THR A 44 -18.68 -3.59 42.51
C THR A 44 -18.32 -4.48 41.31
N LEU A 45 -17.03 -4.52 40.97
CA LEU A 45 -16.46 -5.59 40.16
C LEU A 45 -15.28 -6.19 40.92
N PRO A 46 -15.25 -7.52 41.02
CA PRO A 46 -14.06 -8.17 41.58
C PRO A 46 -12.83 -7.95 40.69
N GLY A 47 -11.63 -8.13 41.25
CA GLY A 47 -10.40 -8.15 40.48
C GLY A 47 -9.87 -9.59 40.53
N GLN A 48 -8.81 -9.78 41.29
CA GLN A 48 -8.27 -11.11 41.54
C GLN A 48 -8.57 -11.36 43.02
N VAL A 49 -9.60 -12.18 43.29
CA VAL A 49 -10.12 -12.39 44.65
CA VAL A 49 -10.06 -12.33 44.67
C VAL A 49 -9.20 -13.32 45.45
N GLN A 50 -8.65 -14.32 44.76
CA GLN A 50 -7.77 -15.32 45.39
C GLN A 50 -6.32 -14.92 45.13
N GLN A 51 -5.54 -14.67 46.20
CA GLN A 51 -4.12 -14.25 46.12
CA GLN A 51 -4.15 -14.24 46.05
C GLN A 51 -3.38 -15.28 45.26
N PHE A 52 -2.43 -14.80 44.43
CA PHE A 52 -1.56 -15.69 43.67
C PHE A 52 -0.22 -14.99 43.57
N ASN A 53 0.61 -15.15 44.61
CA ASN A 53 1.77 -14.28 44.76
C ASN A 53 2.97 -14.85 44.04
N GLN A 54 2.83 -15.02 42.73
CA GLN A 54 3.89 -15.59 41.89
C GLN A 54 3.85 -14.87 40.58
N VAL A 55 5.01 -14.76 39.94
CA VAL A 55 5.12 -14.25 38.57
C VAL A 55 5.94 -15.28 37.79
N PHE A 56 5.94 -15.17 36.46
CA PHE A 56 6.79 -16.07 35.69
C PHE A 56 7.77 -15.22 34.95
N ILE A 57 9.05 -15.53 35.16
CA ILE A 57 10.14 -14.76 34.59
C ILE A 57 10.90 -15.74 33.68
N ASN A 58 11.02 -15.42 32.37
CA ASN A 58 11.63 -16.35 31.41
C ASN A 58 11.01 -17.73 31.54
N ASN A 59 9.69 -17.78 31.72
CA ASN A 59 8.94 -19.02 31.92
C ASN A 59 9.30 -19.84 33.16
N HIS A 60 9.92 -19.20 34.14
CA HIS A 60 10.18 -19.85 35.43
C HIS A 60 9.33 -19.21 36.54
N ARG A 61 8.70 -20.04 37.35
CA ARG A 61 7.89 -19.57 38.47
C ARG A 61 8.78 -18.92 39.53
N ILE A 62 8.44 -17.69 39.94
CA ILE A 62 9.21 -16.97 40.95
C ILE A 62 8.25 -16.44 42.00
N THR A 63 8.60 -16.60 43.27
CA THR A 63 7.89 -15.93 44.35
C THR A 63 8.64 -14.62 44.61
N PRO A 64 8.07 -13.49 44.21
CA PRO A 64 8.83 -12.26 44.37
C PRO A 64 8.97 -11.84 45.85
N GLU A 65 10.07 -11.21 46.18
CA GLU A 65 10.20 -10.58 47.49
C GLU A 65 9.75 -9.12 47.36
N VAL A 66 8.66 -8.79 48.02
CA VAL A 66 7.94 -7.55 47.69
C VAL A 66 7.98 -6.54 48.85
N THR A 67 8.26 -5.29 48.56
CA THR A 67 8.08 -4.24 49.57
C THR A 67 7.12 -3.22 48.98
N TYR A 68 6.36 -2.55 49.84
CA TYR A 68 5.22 -1.76 49.42
C TYR A 68 5.28 -0.34 49.95
N LYS A 69 4.77 0.61 49.16
CA LYS A 69 4.64 1.97 49.64
C LYS A 69 3.45 2.65 48.96
N LYS A 70 2.52 3.16 49.76
CA LYS A 70 1.45 3.96 49.18
C LYS A 70 2.02 5.34 48.94
N ILE A 71 2.00 5.78 47.69
CA ILE A 71 2.65 7.02 47.26
C ILE A 71 1.76 8.23 47.53
N ASN A 72 0.47 8.12 47.21
CA ASN A 72 -0.48 9.20 47.45
C ASN A 72 -1.88 8.58 47.44
N GLU A 73 -2.95 9.38 47.39
CA GLU A 73 -4.28 8.82 47.60
C GLU A 73 -4.67 7.87 46.46
N THR A 74 -4.02 8.01 45.29
CA THR A 74 -4.44 7.26 44.10
C THR A 74 -3.42 6.23 43.67
N THR A 75 -2.27 6.17 44.34
CA THR A 75 -1.12 5.51 43.75
C THR A 75 -0.36 4.70 44.77
N ALA A 76 -0.04 3.46 44.42
CA ALA A 76 0.83 2.64 45.25
C ALA A 76 1.96 2.03 44.42
N GLU A 77 3.06 1.72 45.09
CA GLU A 77 4.25 1.25 44.42
C GLU A 77 4.77 0.00 45.10
N TYR A 78 5.31 -0.94 44.31
CA TYR A 78 5.79 -2.22 44.82
C TYR A 78 7.15 -2.46 44.25
N LEU A 79 8.12 -2.74 45.11
CA LEU A 79 9.42 -3.20 44.66
C LEU A 79 9.45 -4.72 44.76
N MET A 80 9.77 -5.40 43.65
CA MET A 80 9.62 -6.84 43.55
C MET A 80 10.96 -7.46 43.14
N LYS A 81 11.62 -8.10 44.09
CA LYS A 81 12.91 -8.74 43.85
C LYS A 81 12.69 -10.17 43.36
N LEU A 82 13.45 -10.54 42.35
CA LEU A 82 13.25 -11.79 41.60
C LEU A 82 14.56 -12.57 41.60
N ARG A 83 14.58 -13.74 42.23
CA ARG A 83 15.81 -14.52 42.29
C ARG A 83 15.54 -16.00 42.09
N ASP A 84 16.29 -16.59 41.16
CA ASP A 84 16.24 -18.03 40.93
C ASP A 84 17.61 -18.40 40.37
N ASP A 85 18.51 -18.81 41.27
CA ASP A 85 19.90 -19.04 40.92
C ASP A 85 20.03 -20.12 39.87
N ALA A 86 19.27 -21.20 40.03
CA ALA A 86 19.32 -22.33 39.11
C ALA A 86 19.01 -21.91 37.67
N HIS A 87 18.20 -20.85 37.52
CA HIS A 87 17.84 -20.37 36.19
C HIS A 87 18.44 -19.02 35.84
N LEU A 88 19.48 -18.61 36.58
CA LEU A 88 20.22 -17.37 36.33
C LEU A 88 19.34 -16.12 36.31
N ILE A 89 18.35 -16.09 37.20
CA ILE A 89 17.49 -14.90 37.32
C ILE A 89 17.91 -14.14 38.55
N ASN A 90 18.27 -12.88 38.34
CA ASN A 90 18.64 -11.99 39.42
C ASN A 90 18.30 -10.58 39.03
N ALA A 91 17.12 -10.14 39.43
CA ALA A 91 16.56 -8.92 38.86
C ALA A 91 15.63 -8.26 39.87
N GLU A 92 15.19 -7.04 39.58
CA GLU A 92 14.09 -6.43 40.31
C GLU A 92 13.25 -5.58 39.40
N MET A 93 11.96 -5.54 39.71
CA MET A 93 11.06 -4.69 38.96
C MET A 93 10.18 -3.92 39.92
N THR A 94 9.83 -2.70 39.51
CA THR A 94 8.99 -1.83 40.29
C THR A 94 7.68 -1.72 39.55
N VAL A 95 6.60 -1.89 40.29
CA VAL A 95 5.25 -1.82 39.72
C VAL A 95 4.48 -0.74 40.45
N ARG A 96 3.71 0.05 39.71
CA ARG A 96 2.77 0.98 40.29
C ARG A 96 1.36 0.66 39.88
N LEU A 97 0.44 0.76 40.85
CA LEU A 97 -0.99 0.76 40.60
C LEU A 97 -1.49 2.17 40.85
N GLN A 98 -2.26 2.71 39.91
CA GLN A 98 -2.69 4.08 40.00
C GLN A 98 -4.10 4.20 39.52
N VAL A 99 -4.96 4.80 40.34
CA VAL A 99 -6.32 5.11 39.89
C VAL A 99 -6.36 6.52 39.29
N VAL A 100 -6.91 6.61 38.08
CA VAL A 100 -7.07 7.87 37.35
C VAL A 100 -8.55 7.97 36.99
N ASP A 101 -9.31 8.72 37.79
CA ASP A 101 -10.77 8.73 37.67
C ASP A 101 -11.30 7.28 37.60
N ASN A 102 -11.93 6.86 36.50
CA ASN A 102 -12.52 5.49 36.42
C ASN A 102 -11.59 4.45 35.78
N GLN A 103 -10.30 4.75 35.77
CA GLN A 103 -9.27 3.87 35.20
C GLN A 103 -8.35 3.38 36.27
N LEU A 104 -7.85 2.15 36.13
CA LEU A 104 -6.79 1.64 36.97
C LEU A 104 -5.62 1.37 36.03
N HIS A 105 -4.45 1.94 36.33
CA HIS A 105 -3.24 1.74 35.54
C HIS A 105 -2.27 0.82 36.26
N PHE A 106 -1.78 -0.21 35.55
CA PHE A 106 -0.76 -1.13 36.05
C PHE A 106 0.47 -0.84 35.21
N ASP A 107 1.55 -0.38 35.83
CA ASP A 107 2.78 -0.10 35.08
C ASP A 107 3.98 -0.70 35.75
N VAL A 108 4.82 -1.37 34.97
CA VAL A 108 6.13 -1.76 35.45
C VAL A 108 6.99 -0.55 35.12
N THR A 109 7.44 0.17 36.16
CA THR A 109 8.04 1.51 35.91
C THR A 109 9.56 1.43 35.80
N LYS A 110 10.14 0.33 36.31
CA LYS A 110 11.58 0.16 36.30
C LYS A 110 11.88 -1.32 36.34
N ILE A 111 12.85 -1.74 35.54
CA ILE A 111 13.31 -3.11 35.53
C ILE A 111 14.83 -3.08 35.63
N VAL A 112 15.39 -3.85 36.55
CA VAL A 112 16.84 -3.94 36.67
C VAL A 112 17.22 -5.42 36.59
N ASN A 113 18.04 -5.76 35.60
CA ASN A 113 18.63 -7.08 35.52
C ASN A 113 20.06 -6.99 36.04
N HIS A 114 20.36 -7.72 37.12
CA HIS A 114 21.70 -7.69 37.69
C HIS A 114 22.74 -8.48 36.87
N ASN A 115 22.28 -9.34 35.95
CA ASN A 115 23.20 -9.92 34.96
C ASN A 115 23.71 -8.83 33.99
N GLN A 116 24.94 -8.97 33.50
CA GLN A 116 25.50 -7.96 32.59
C GLN A 116 24.86 -8.16 31.21
N VAL A 117 24.14 -7.16 30.74
CA VAL A 117 23.53 -7.21 29.39
C VAL A 117 23.78 -5.87 28.69
N THR A 118 24.30 -5.90 27.46
CA THR A 118 24.49 -4.66 26.72
C THR A 118 23.78 -4.73 25.37
N PRO A 119 22.67 -3.97 25.22
CA PRO A 119 21.93 -3.95 23.94
C PRO A 119 22.90 -3.66 22.82
N GLY A 120 22.79 -4.43 21.74
CA GLY A 120 23.69 -4.29 20.59
C GLY A 120 24.95 -5.13 20.69
N GLN A 121 25.22 -5.76 21.83
CA GLN A 121 26.43 -6.58 21.99
C GLN A 121 26.14 -8.06 22.19
N LYS A 122 27.17 -8.86 22.03
CA LYS A 122 27.10 -10.29 22.22
C LYS A 122 26.80 -10.61 23.69
N ILE A 123 26.00 -11.64 23.92
CA ILE A 123 25.80 -12.18 25.27
C ILE A 123 26.12 -13.66 25.21
N ASP A 124 26.95 -14.15 26.13
CA ASP A 124 27.39 -15.54 26.01
C ASP A 124 26.34 -16.56 26.43
N ASP A 125 25.37 -16.15 27.25
CA ASP A 125 24.30 -17.05 27.65
C ASP A 125 22.98 -16.27 27.62
N GLU A 126 22.13 -16.53 26.62
CA GLU A 126 20.84 -15.84 26.48
C GLU A 126 19.91 -16.08 27.67
N SER A 127 20.16 -17.13 28.44
CA SER A 127 19.32 -17.34 29.61
C SER A 127 19.57 -16.24 30.68
N LYS A 128 20.66 -15.50 30.56
CA LYS A 128 20.93 -14.36 31.45
C LYS A 128 20.09 -13.12 31.14
N LEU A 129 19.47 -13.09 29.96
CA LEU A 129 18.55 -12.01 29.63
C LEU A 129 17.28 -12.13 30.49
N LEU A 130 16.68 -10.99 30.75
CA LEU A 130 15.36 -10.92 31.36
CA LEU A 130 15.34 -10.98 31.35
C LEU A 130 14.42 -10.70 30.18
N SER A 131 13.89 -11.80 29.62
CA SER A 131 13.23 -11.74 28.31
CA SER A 131 13.23 -11.77 28.31
C SER A 131 11.72 -11.72 28.38
N SER A 132 11.14 -12.33 29.39
CA SER A 132 9.67 -12.29 29.51
C SER A 132 9.26 -12.11 30.95
N ILE A 133 8.15 -11.38 31.13
CA ILE A 133 7.60 -11.11 32.45
C ILE A 133 6.09 -11.38 32.36
N SER A 134 5.63 -12.33 33.16
CA SER A 134 4.24 -12.71 33.12
C SER A 134 3.58 -12.59 34.49
N PHE A 135 2.46 -11.86 34.52
CA PHE A 135 1.63 -11.79 35.71
C PHE A 135 0.33 -12.55 35.43
N LEU A 136 0.38 -13.51 34.50
CA LEU A 136 -0.76 -14.44 34.36
C LEU A 136 -1.10 -15.07 35.71
N GLY A 137 -2.38 -15.17 36.00
CA GLY A 137 -2.83 -15.68 37.30
C GLY A 137 -3.31 -14.57 38.22
N ASN A 138 -3.01 -13.33 37.86
CA ASN A 138 -3.57 -12.17 38.56
C ASN A 138 -4.48 -11.35 37.65
N ALA A 139 -5.80 -11.60 37.71
CA ALA A 139 -6.78 -10.88 36.89
C ALA A 139 -6.76 -9.40 37.25
N LEU A 140 -6.73 -8.53 36.24
CA LEU A 140 -6.89 -7.09 36.45
C LEU A 140 -8.31 -6.72 36.76
N VAL A 141 -9.27 -7.50 36.26
CA VAL A 141 -10.68 -7.28 36.58
C VAL A 141 -11.40 -8.60 36.28
N SER A 142 -12.53 -8.83 36.95
CA SER A 142 -13.31 -10.06 36.67
C SER A 142 -14.77 -9.82 36.97
N VAL A 143 -15.59 -10.86 36.78
CA VAL A 143 -17.01 -10.82 37.14
C VAL A 143 -17.34 -12.22 37.69
N SER A 144 -18.26 -12.29 38.65
CA SER A 144 -18.64 -13.53 39.33
C SER A 144 -19.99 -13.98 38.84
N SER A 145 -20.18 -15.30 38.72
CA SER A 145 -21.51 -15.87 38.43
C SER A 145 -22.59 -15.54 39.48
N ASP A 146 -22.20 -15.07 40.67
CA ASP A 146 -23.16 -14.65 41.67
C ASP A 146 -23.68 -13.25 41.41
N GLN A 147 -23.11 -12.54 40.45
CA GLN A 147 -23.57 -11.18 40.16
C GLN A 147 -24.58 -11.22 39.03
N THR A 148 -25.62 -10.41 39.14
CA THR A 148 -26.66 -10.33 38.10
C THR A 148 -26.09 -9.83 36.77
N GLY A 149 -26.46 -10.47 35.67
CA GLY A 149 -26.01 -10.03 34.35
C GLY A 149 -24.54 -10.31 34.05
N ALA A 150 -23.90 -11.21 34.80
CA ALA A 150 -22.48 -11.50 34.62
C ALA A 150 -22.17 -12.07 33.22
N LYS A 151 -21.29 -11.39 32.49
CA LYS A 151 -20.95 -11.83 31.12
C LYS A 151 -19.55 -11.36 30.72
N PHE A 152 -18.94 -12.15 29.83
CA PHE A 152 -17.65 -11.83 29.25
C PHE A 152 -17.81 -11.75 27.73
N ASP A 153 -17.13 -10.78 27.11
CA ASP A 153 -17.16 -10.65 25.66
C ASP A 153 -15.74 -10.35 25.22
N GLY A 154 -15.26 -11.13 24.27
CA GLY A 154 -13.86 -11.00 23.84
C GLY A 154 -13.75 -11.17 22.34
N ALA A 155 -12.74 -10.51 21.77
CA ALA A 155 -12.46 -10.61 20.31
C ALA A 155 -11.15 -11.34 20.07
N THR A 156 -11.14 -12.27 19.12
CA THR A 156 -9.89 -12.85 18.60
C THR A 156 -9.80 -12.51 17.11
N MET A 157 -8.61 -12.66 16.54
CA MET A 157 -8.43 -12.42 15.12
C MET A 157 -9.09 -13.51 14.26
N SER A 158 -10.02 -13.09 13.39
CA SER A 158 -10.53 -13.92 12.30
C SER A 158 -10.49 -13.10 11.02
N ASN A 159 -10.01 -13.70 9.93
CA ASN A 159 -10.05 -13.06 8.60
C ASN A 159 -10.97 -13.82 7.65
N ASN A 160 -11.73 -14.76 8.21
CA ASN A 160 -12.66 -15.58 7.42
C ASN A 160 -14.02 -14.93 7.55
N THR A 161 -14.62 -14.51 6.42
CA THR A 161 -15.88 -13.77 6.47
C THR A 161 -17.04 -14.57 7.07
N HIS A 162 -16.91 -15.91 7.09
CA HIS A 162 -17.95 -16.79 7.65
C HIS A 162 -17.85 -16.95 9.15
N VAL A 163 -16.73 -16.53 9.75
CA VAL A 163 -16.44 -16.91 11.14
C VAL A 163 -16.12 -15.68 11.96
N SER A 164 -17.01 -15.30 12.87
CA SER A 164 -16.74 -14.18 13.76
C SER A 164 -15.61 -14.54 14.69
N GLY A 165 -14.74 -13.57 14.97
CA GLY A 165 -13.69 -13.78 15.97
C GLY A 165 -14.19 -13.57 17.40
N ASP A 166 -15.45 -13.21 17.56
CA ASP A 166 -15.92 -12.79 18.90
C ASP A 166 -16.57 -13.91 19.68
N ASP A 167 -16.31 -13.92 21.00
CA ASP A 167 -17.00 -14.80 21.94
C ASP A 167 -17.85 -13.96 22.88
N HIS A 168 -19.05 -14.45 23.18
CA HIS A 168 -19.96 -13.77 24.08
C HIS A 168 -20.36 -14.89 25.06
N ILE A 169 -19.92 -14.80 26.31
CA ILE A 169 -20.02 -15.93 27.23
C ILE A 169 -20.75 -15.46 28.50
N ASP A 170 -21.85 -16.12 28.84
CA ASP A 170 -22.52 -15.84 30.09
C ASP A 170 -21.68 -16.45 31.19
N VAL A 171 -21.50 -15.73 32.30
CA VAL A 171 -20.66 -16.24 33.39
C VAL A 171 -21.60 -16.90 34.41
N THR A 172 -21.65 -18.22 34.39
CA THR A 172 -22.63 -18.98 35.15
C THR A 172 -21.94 -20.09 35.92
N ASN A 173 -22.67 -20.76 36.79
CA ASN A 173 -22.13 -21.92 37.45
C ASN A 173 -23.19 -23.03 37.36
N PRO A 174 -22.95 -24.08 36.57
CA PRO A 174 -21.65 -24.37 35.95
C PRO A 174 -21.43 -23.60 34.63
N MET A 175 -20.20 -23.60 34.14
CA MET A 175 -19.93 -23.12 32.77
C MET A 175 -18.74 -23.87 32.21
N LYS A 176 -18.58 -23.84 30.89
CA LYS A 176 -17.42 -24.45 30.26
C LYS A 176 -16.13 -23.79 30.69
N ASP A 177 -15.04 -24.55 30.73
CA ASP A 177 -13.74 -24.01 31.08
C ASP A 177 -13.33 -22.93 30.09
N LEU A 178 -12.49 -22.02 30.52
CA LEU A 178 -12.03 -20.90 29.66
C LEU A 178 -10.63 -20.52 30.09
N ALA A 179 -9.69 -20.57 29.13
CA ALA A 179 -8.27 -20.28 29.34
C ALA A 179 -7.78 -19.93 27.94
N LYS A 180 -7.95 -18.66 27.56
CA LYS A 180 -7.89 -18.29 26.15
CA LYS A 180 -7.87 -18.29 26.15
C LYS A 180 -7.37 -16.87 25.96
N GLY A 181 -6.51 -16.68 24.96
CA GLY A 181 -5.99 -15.35 24.62
C GLY A 181 -7.01 -14.52 23.82
N TYR A 182 -7.00 -13.22 24.03
CA TYR A 182 -7.90 -12.30 23.31
C TYR A 182 -7.16 -11.02 22.97
N MET A 183 -7.63 -10.33 21.92
CA MET A 183 -7.14 -9.02 21.55
C MET A 183 -7.85 -7.94 22.37
N TYR A 184 -9.15 -8.14 22.63
CA TYR A 184 -9.98 -7.19 23.40
C TYR A 184 -10.87 -8.03 24.26
N GLY A 185 -11.18 -7.54 25.46
CA GLY A 185 -11.94 -8.33 26.42
C GLY A 185 -12.65 -7.41 27.39
N PHE A 186 -13.90 -7.77 27.72
CA PHE A 186 -14.78 -6.99 28.60
C PHE A 186 -15.50 -7.95 29.52
N VAL A 187 -15.62 -7.56 30.78
CA VAL A 187 -16.57 -8.21 31.69
C VAL A 187 -17.59 -7.18 32.12
N SER A 188 -18.78 -7.65 32.45
CA SER A 188 -19.85 -6.75 32.89
C SER A 188 -20.90 -7.47 33.73
N THR A 189 -21.56 -6.68 34.57
CA THR A 189 -22.77 -7.07 35.26
C THR A 189 -23.86 -6.21 34.68
N ASP A 190 -25.01 -6.16 35.34
CA ASP A 190 -26.04 -5.25 34.86
C ASP A 190 -25.82 -3.83 35.36
N LYS A 191 -24.74 -3.61 36.09
CA LYS A 191 -24.43 -2.28 36.63
C LYS A 191 -23.14 -1.64 36.16
N LEU A 192 -22.12 -2.46 35.91
CA LEU A 192 -20.77 -1.97 35.54
C LEU A 192 -20.19 -2.83 34.41
N ALA A 193 -19.44 -2.19 33.52
CA ALA A 193 -18.69 -2.89 32.50
C ALA A 193 -17.22 -2.48 32.62
N ALA A 194 -16.31 -3.40 32.33
CA ALA A 194 -14.89 -3.05 32.34
C ALA A 194 -14.22 -3.56 31.07
N GLY A 195 -13.27 -2.78 30.54
CA GLY A 195 -12.41 -3.26 29.46
C GLY A 195 -10.97 -3.18 29.88
N VAL A 196 -10.13 -4.02 29.28
CA VAL A 196 -8.71 -4.13 29.65
C VAL A 196 -7.81 -3.93 28.42
N TRP A 197 -6.80 -3.09 28.58
CA TRP A 197 -5.79 -2.87 27.56
C TRP A 197 -4.45 -3.35 28.08
N SER A 198 -3.59 -3.85 27.19
CA SER A 198 -2.22 -4.13 27.60
C SER A 198 -1.33 -3.88 26.38
N ASN A 199 -0.09 -3.44 26.60
CA ASN A 199 0.88 -3.33 25.52
C ASN A 199 1.67 -4.63 25.30
N SER A 200 1.28 -5.69 26.00
CA SER A 200 1.85 -7.02 25.81
C SER A 200 1.83 -7.42 24.30
N GLN A 201 2.98 -7.79 23.77
CA GLN A 201 3.04 -8.34 22.39
C GLN A 201 3.13 -9.87 22.39
N ASN A 202 2.50 -10.48 23.40
CA ASN A 202 2.33 -11.91 23.47
C ASN A 202 1.64 -12.52 22.25
N SER A 203 2.06 -13.72 21.89
CA SER A 203 1.28 -14.55 20.99
C SER A 203 1.19 -15.97 21.53
N TYR A 204 0.04 -16.58 21.39
CA TYR A 204 -0.11 -18.01 21.66
C TYR A 204 -0.07 -18.87 20.40
N GLY A 205 0.25 -18.28 19.25
CA GLY A 205 0.26 -19.03 17.99
C GLY A 205 -0.33 -18.15 16.88
N GLY A 206 -0.57 -18.75 15.71
CA GLY A 206 -1.09 -17.98 14.60
C GLY A 206 -2.62 -17.91 14.65
N GLY A 207 -3.21 -17.27 13.66
CA GLY A 207 -4.67 -17.19 13.55
C GLY A 207 -5.28 -16.54 14.79
N SER A 208 -6.31 -17.19 15.32
CA SER A 208 -7.08 -16.67 16.46
C SER A 208 -6.26 -16.68 17.77
N ASN A 209 -5.11 -17.35 17.76
CA ASN A 209 -4.18 -17.33 18.90
C ASN A 209 -3.18 -16.17 18.90
N ASP A 210 -3.23 -15.35 17.87
CA ASP A 210 -2.24 -14.28 17.71
C ASP A 210 -2.78 -12.96 18.24
N TRP A 211 -1.88 -11.99 18.46
CA TRP A 211 -2.28 -10.66 18.94
C TRP A 211 -2.97 -10.75 20.31
N THR A 212 -2.64 -11.81 21.06
CA THR A 212 -3.39 -12.13 22.26
C THR A 212 -2.76 -11.43 23.48
N ARG A 213 -2.97 -10.12 23.53
CA ARG A 213 -2.41 -9.25 24.58
C ARG A 213 -3.12 -9.46 25.90
N LEU A 214 -4.31 -10.09 25.86
CA LEU A 214 -5.07 -10.43 27.06
C LEU A 214 -5.22 -11.94 27.16
N THR A 215 -5.42 -12.44 28.38
CA THR A 215 -5.84 -13.84 28.54
C THR A 215 -7.03 -13.87 29.50
N ALA A 216 -8.11 -14.54 29.11
CA ALA A 216 -9.26 -14.68 30.02
C ALA A 216 -9.25 -16.08 30.63
N TYR A 217 -9.55 -16.17 31.92
CA TYR A 217 -9.54 -17.44 32.67
C TYR A 217 -10.75 -17.53 33.52
N LYS A 218 -11.35 -18.72 33.51
CA LYS A 218 -12.38 -19.04 34.47
C LYS A 218 -11.69 -19.56 35.73
N GLU A 219 -12.10 -19.06 36.89
CA GLU A 219 -11.58 -19.59 38.15
C GLU A 219 -12.77 -19.79 39.09
N THR A 220 -12.89 -20.99 39.68
CA THR A 220 -13.99 -21.27 40.59
C THR A 220 -13.53 -20.98 42.01
N VAL A 221 -14.26 -20.11 42.69
CA VAL A 221 -13.91 -19.69 44.05
C VAL A 221 -15.16 -19.91 44.89
N GLY A 222 -15.06 -20.77 45.90
CA GLY A 222 -16.24 -21.16 46.68
C GLY A 222 -17.32 -21.72 45.74
N ASN A 223 -18.51 -21.13 45.76
CA ASN A 223 -19.59 -21.62 44.90
C ASN A 223 -19.84 -20.76 43.65
N ALA A 224 -18.86 -19.94 43.29
CA ALA A 224 -18.99 -19.02 42.17
C ALA A 224 -17.93 -19.27 41.13
N ASN A 225 -18.32 -19.13 39.86
CA ASN A 225 -17.34 -19.03 38.81
C ASN A 225 -17.04 -17.57 38.52
N TYR A 226 -15.75 -17.25 38.45
CA TYR A 226 -15.30 -15.93 37.99
C TYR A 226 -14.70 -16.07 36.59
N VAL A 227 -14.96 -15.07 35.74
CA VAL A 227 -14.13 -14.95 34.55
C VAL A 227 -13.33 -13.66 34.72
N GLY A 228 -12.00 -13.81 34.76
CA GLY A 228 -11.06 -12.70 34.92
C GLY A 228 -10.28 -12.43 33.63
N ILE A 229 -9.92 -11.16 33.42
CA ILE A 229 -9.09 -10.80 32.27
C ILE A 229 -7.73 -10.42 32.79
N HIS A 230 -6.72 -11.09 32.24
CA HIS A 230 -5.34 -10.93 32.68
C HIS A 230 -4.59 -10.27 31.52
N SER A 231 -3.55 -9.48 31.81
CA SER A 231 -2.60 -9.22 30.71
C SER A 231 -1.83 -10.47 30.39
N SER A 232 -1.61 -10.71 29.09
CA SER A 232 -0.71 -11.75 28.69
C SER A 232 0.70 -11.30 28.98
N GLU A 233 1.64 -12.24 28.85
CA GLU A 233 3.02 -11.93 29.21
C GLU A 233 3.65 -10.83 28.36
N TRP A 234 4.56 -10.09 28.98
CA TRP A 234 5.30 -9.02 28.32
C TRP A 234 6.70 -9.48 27.96
N GLN A 235 7.24 -8.83 26.93
CA GLN A 235 8.60 -9.10 26.48
C GLN A 235 9.55 -7.99 26.97
N TRP A 236 10.83 -8.33 27.08
CA TRP A 236 11.81 -7.33 27.54
C TRP A 236 13.13 -7.48 26.77
N GLU A 237 14.20 -7.99 27.42
CA GLU A 237 15.53 -8.10 26.76
C GLU A 237 15.54 -9.32 25.90
N LYS A 238 15.83 -9.15 24.60
CA LYS A 238 15.85 -10.28 23.68
C LYS A 238 17.07 -10.19 22.78
N ALA A 239 17.43 -11.32 22.18
CA ALA A 239 18.63 -11.41 21.33
C ALA A 239 18.36 -12.33 20.13
N TYR A 240 19.18 -12.21 19.11
CA TYR A 240 19.14 -13.15 18.00
C TYR A 240 20.54 -13.71 17.81
N LYS A 241 20.69 -15.02 17.88
CA LYS A 241 22.01 -15.66 17.75
C LYS A 241 23.05 -15.02 18.69
N GLY A 242 22.60 -14.72 19.91
CA GLY A 242 23.48 -14.14 20.92
C GLY A 242 23.78 -12.66 20.79
N ILE A 243 23.16 -11.96 19.83
CA ILE A 243 23.38 -10.53 19.72
C ILE A 243 22.12 -9.86 20.27
N VAL A 244 22.30 -9.10 21.34
CA VAL A 244 21.18 -8.48 22.05
C VAL A 244 20.64 -7.35 21.17
N PHE A 245 19.31 -7.30 21.03
CA PHE A 245 18.66 -6.29 20.22
C PHE A 245 18.87 -4.87 20.74
N PRO A 246 18.64 -3.86 19.87
CA PRO A 246 18.80 -2.49 20.34
C PRO A 246 17.88 -2.15 21.51
N GLU A 247 18.31 -1.15 22.28
CA GLU A 247 17.56 -0.70 23.45
C GLU A 247 16.12 -0.32 23.11
N TYR A 248 15.90 0.30 21.93
CA TYR A 248 14.55 0.72 21.57
C TYR A 248 13.53 -0.42 21.41
N THR A 249 14.00 -1.67 21.37
CA THR A 249 13.07 -2.81 21.27
C THR A 249 12.46 -3.15 22.62
N LYS A 250 12.96 -2.52 23.69
CA LYS A 250 12.42 -2.73 25.06
C LYS A 250 11.38 -1.67 25.36
N GLU A 251 10.18 -2.09 25.71
CA GLU A 251 9.11 -1.19 26.04
C GLU A 251 8.58 -1.63 27.40
N LEU A 252 8.50 -0.70 28.35
CA LEU A 252 8.09 -1.08 29.72
C LEU A 252 6.67 -1.61 29.74
N PRO A 253 6.44 -2.75 30.41
CA PRO A 253 5.11 -3.35 30.48
C PRO A 253 4.09 -2.39 31.06
N SER A 254 2.91 -2.37 30.45
CA SER A 254 1.85 -1.51 30.89
C SER A 254 0.50 -2.14 30.56
N ALA A 255 -0.50 -1.93 31.45
CA ALA A 255 -1.87 -2.39 31.19
C ALA A 255 -2.81 -1.41 31.89
N LYS A 256 -4.07 -1.35 31.43
CA LYS A 256 -5.05 -0.48 32.09
C LYS A 256 -6.39 -1.14 32.11
N VAL A 257 -7.19 -0.82 33.13
CA VAL A 257 -8.59 -1.23 33.17
C VAL A 257 -9.42 0.05 33.16
N VAL A 258 -10.57 0.04 32.49
CA VAL A 258 -11.51 1.15 32.62
C VAL A 258 -12.86 0.56 33.03
N ILE A 259 -13.54 1.25 33.95
CA ILE A 259 -14.79 0.76 34.55
C ILE A 259 -15.86 1.81 34.31
N THR A 260 -16.99 1.38 33.77
CA THR A 260 -18.01 2.34 33.37
C THR A 260 -19.42 1.88 33.69
N GLU A 261 -20.31 2.85 33.92
CA GLU A 261 -21.74 2.57 33.90
C GLU A 261 -22.23 2.76 32.47
N ASP A 262 -23.55 2.80 32.30
CA ASP A 262 -24.14 2.93 30.95
C ASP A 262 -23.48 4.12 30.23
N ALA A 263 -23.00 3.90 29.01
CA ALA A 263 -22.24 4.94 28.30
C ALA A 263 -22.85 5.32 26.94
N ASN A 264 -23.89 4.62 26.52
CA ASN A 264 -24.57 4.95 25.29
C ASN A 264 -26.06 5.21 25.50
N ALA A 265 -26.43 5.50 26.75
CA ALA A 265 -27.81 5.87 27.08
C ALA A 265 -28.87 4.85 26.65
N ASP A 266 -28.51 3.57 26.55
CA ASP A 266 -29.51 2.57 26.21
C ASP A 266 -30.08 1.87 27.44
N LYS A 267 -29.64 2.31 28.62
CA LYS A 267 -30.12 1.76 29.90
C LYS A 267 -29.80 0.29 30.08
N ASN A 268 -28.81 -0.20 29.36
CA ASN A 268 -28.27 -1.53 29.62
C ASN A 268 -26.79 -1.38 29.85
N VAL A 269 -26.23 -2.22 30.71
CA VAL A 269 -24.79 -2.22 30.85
C VAL A 269 -24.24 -3.50 30.24
N ASP A 270 -23.35 -3.34 29.24
CA ASP A 270 -22.81 -4.51 28.56
C ASP A 270 -21.46 -4.18 27.93
N TRP A 271 -20.94 -5.07 27.09
CA TRP A 271 -19.59 -4.85 26.58
C TRP A 271 -19.50 -3.54 25.78
N GLN A 272 -20.61 -3.11 25.16
CA GLN A 272 -20.56 -1.91 24.33
CA GLN A 272 -20.59 -1.89 24.33
C GLN A 272 -20.19 -0.68 25.15
N ASP A 273 -20.68 -0.61 26.39
CA ASP A 273 -20.27 0.45 27.30
C ASP A 273 -18.80 0.37 27.63
N GLY A 274 -18.33 -0.84 27.94
CA GLY A 274 -16.90 -1.09 28.10
C GLY A 274 -16.08 -0.65 26.89
N ALA A 275 -16.56 -0.93 25.68
CA ALA A 275 -15.80 -0.60 24.44
C ALA A 275 -15.68 0.91 24.21
N ILE A 276 -16.78 1.64 24.47
CA ILE A 276 -16.74 3.10 24.43
C ILE A 276 -15.69 3.64 25.39
N ALA A 277 -15.72 3.17 26.64
CA ALA A 277 -14.79 3.63 27.65
C ALA A 277 -13.36 3.22 27.31
N TYR A 278 -13.22 2.03 26.71
CA TYR A 278 -11.90 1.50 26.34
C TYR A 278 -11.14 2.45 25.43
N ARG A 279 -11.83 3.26 24.64
CA ARG A 279 -11.12 4.20 23.76
C ARG A 279 -10.24 5.18 24.52
N SER A 280 -10.54 5.43 25.82
CA SER A 280 -9.72 6.31 26.63
C SER A 280 -8.42 5.68 27.13
N ILE A 281 -8.35 4.35 27.14
CA ILE A 281 -7.16 3.68 27.64
C ILE A 281 -6.34 2.93 26.58
N MET A 282 -6.83 2.86 25.36
CA MET A 282 -6.21 1.99 24.36
C MET A 282 -5.05 2.69 23.64
N ASN A 283 -4.09 1.90 23.15
CA ASN A 283 -3.14 2.40 22.14
C ASN A 283 -3.92 2.90 20.92
N ASN A 284 -3.40 3.93 20.26
CA ASN A 284 -4.01 4.39 19.01
C ASN A 284 -2.91 4.35 17.94
N PRO A 285 -3.15 3.63 16.83
CA PRO A 285 -2.09 3.47 15.82
C PRO A 285 -1.73 4.85 15.26
N GLN A 286 -0.43 5.11 15.17
CA GLN A 286 0.02 6.44 14.77
C GLN A 286 -0.50 6.81 13.40
N GLY A 287 -1.02 8.03 13.28
CA GLY A 287 -1.56 8.51 12.01
C GLY A 287 -3.03 8.20 11.82
N TRP A 288 -3.66 7.58 12.82
CA TRP A 288 -5.06 7.15 12.64
C TRP A 288 -6.01 8.30 12.31
N GLU A 289 -5.72 9.52 12.81
CA GLU A 289 -6.61 10.65 12.56
C GLU A 289 -6.81 10.95 11.10
N LYS A 290 -5.82 10.62 10.26
CA LYS A 290 -5.89 10.93 8.83
C LYS A 290 -6.86 10.05 8.09
N VAL A 291 -7.09 8.84 8.63
CA VAL A 291 -7.76 7.77 7.89
C VAL A 291 -9.15 8.17 7.37
N LYS A 292 -9.94 8.77 8.23
CA LYS A 292 -11.35 9.06 7.90
C LYS A 292 -11.46 10.01 6.70
N ASP A 293 -10.40 10.78 6.44
CA ASP A 293 -10.43 11.68 5.26
C ASP A 293 -9.69 11.20 4.02
N ILE A 294 -9.05 10.03 4.10
CA ILE A 294 -8.43 9.48 2.89
C ILE A 294 -9.49 8.64 2.19
N THR A 295 -10.22 9.27 1.28
CA THR A 295 -11.35 8.64 0.65
C THR A 295 -10.90 7.92 -0.63
N ALA A 296 -9.86 8.44 -1.28
CA ALA A 296 -9.45 7.91 -2.57
C ALA A 296 -8.04 7.33 -2.50
N TYR A 297 -7.93 6.09 -2.04
CA TYR A 297 -6.68 5.36 -2.10
C TYR A 297 -6.50 4.78 -3.49
N ARG A 298 -5.24 4.63 -3.90
CA ARG A 298 -4.90 3.88 -5.13
C ARG A 298 -3.39 3.76 -5.21
N ILE A 299 -2.95 2.93 -6.15
CA ILE A 299 -1.52 2.70 -6.37
C ILE A 299 -1.10 3.29 -7.70
N ALA A 300 0.05 3.99 -7.72
CA ALA A 300 0.68 4.40 -8.97
C ALA A 300 1.96 3.58 -9.09
N MET A 301 2.09 2.86 -10.20
CA MET A 301 3.14 1.87 -10.33
C MET A 301 4.25 2.26 -11.31
N ASN A 302 5.49 1.98 -10.92
CA ASN A 302 6.64 1.96 -11.83
C ASN A 302 7.32 0.62 -11.75
N PHE A 303 7.93 0.22 -12.84
CA PHE A 303 8.47 -1.13 -12.93
C PHE A 303 9.44 -1.27 -14.09
N GLY A 304 10.55 -1.96 -13.82
CA GLY A 304 11.44 -2.42 -14.88
C GLY A 304 12.12 -1.31 -15.65
N SER A 305 12.45 -0.21 -14.96
CA SER A 305 13.20 0.92 -15.56
C SER A 305 12.35 1.78 -16.50
N GLN A 306 11.07 1.45 -16.61
CA GLN A 306 10.19 2.08 -17.60
C GLN A 306 9.71 3.49 -17.22
N ALA A 307 9.68 3.79 -15.92
CA ALA A 307 9.16 5.11 -15.47
C ALA A 307 7.76 5.40 -16.02
N GLN A 308 6.86 4.41 -15.86
CA GLN A 308 5.48 4.54 -16.30
C GLN A 308 4.77 5.73 -15.63
N ASN A 309 5.14 6.01 -14.37
CA ASN A 309 4.46 7.03 -13.57
C ASN A 309 5.46 7.92 -12.85
N PRO A 310 6.07 8.87 -13.59
CA PRO A 310 7.03 9.80 -12.94
C PRO A 310 6.31 10.54 -11.83
N PHE A 311 7.05 10.91 -10.78
CA PHE A 311 6.47 11.57 -9.64
C PHE A 311 5.61 12.76 -10.06
N LEU A 312 6.10 13.61 -10.97
CA LEU A 312 5.32 14.82 -11.29
C LEU A 312 4.04 14.52 -12.06
N MET A 313 4.03 13.38 -12.75
CA MET A 313 2.82 13.00 -13.45
CA MET A 313 2.83 12.95 -13.45
C MET A 313 1.72 12.55 -12.48
N THR A 314 2.11 11.94 -11.37
CA THR A 314 1.13 11.51 -10.37
C THR A 314 0.34 12.73 -9.83
N LEU A 315 1.00 13.89 -9.78
CA LEU A 315 0.35 15.10 -9.36
C LEU A 315 -0.81 15.45 -10.30
N ASP A 316 -0.68 15.19 -11.61
CA ASP A 316 -1.80 15.45 -12.52
C ASP A 316 -2.97 14.51 -12.26
N GLY A 317 -2.68 13.24 -11.94
CA GLY A 317 -3.74 12.27 -11.58
C GLY A 317 -4.48 12.75 -10.31
N ILE A 318 -3.72 13.26 -9.36
CA ILE A 318 -4.29 13.83 -8.13
C ILE A 318 -5.25 14.98 -8.45
N LYS A 319 -4.86 15.86 -9.38
CA LYS A 319 -5.71 16.98 -9.79
C LYS A 319 -6.97 16.50 -10.49
N LYS A 320 -6.87 15.45 -11.30
CA LYS A 320 -8.08 14.90 -11.93
C LYS A 320 -9.06 14.43 -10.83
N ILE A 321 -8.54 13.70 -9.85
CA ILE A 321 -9.38 13.14 -8.78
C ILE A 321 -9.92 14.25 -7.87
N ASN A 322 -9.12 15.28 -7.64
CA ASN A 322 -9.57 16.43 -6.85
C ASN A 322 -10.80 17.07 -7.52
N LEU A 323 -10.73 17.28 -8.84
CA LEU A 323 -11.88 17.82 -9.57
C LEU A 323 -13.10 16.90 -9.54
N HIS A 324 -12.87 15.62 -9.83
CA HIS A 324 -13.94 14.68 -10.06
C HIS A 324 -14.67 14.35 -8.74
N THR A 325 -13.97 14.48 -7.61
CA THR A 325 -14.60 14.20 -6.31
C THR A 325 -15.00 15.50 -5.61
N ASP A 326 -14.73 16.64 -6.24
CA ASP A 326 -14.92 17.93 -5.57
C ASP A 326 -14.17 18.00 -4.22
N GLY A 327 -12.91 17.57 -4.21
CA GLY A 327 -12.05 17.84 -3.09
C GLY A 327 -12.10 16.81 -1.98
N LEU A 328 -12.30 15.56 -2.33
CA LEU A 328 -12.11 14.51 -1.34
C LEU A 328 -10.64 14.16 -1.18
N GLY A 329 -10.26 13.70 0.01
CA GLY A 329 -8.87 13.34 0.32
C GLY A 329 -8.42 12.09 -0.40
N GLN A 330 -7.10 11.96 -0.57
CA GLN A 330 -6.55 10.91 -1.40
C GLN A 330 -5.32 10.31 -0.74
N GLY A 331 -5.01 9.07 -1.10
CA GLY A 331 -3.82 8.39 -0.61
C GLY A 331 -3.25 7.60 -1.76
N VAL A 332 -2.08 8.03 -2.25
CA VAL A 332 -1.50 7.37 -3.40
C VAL A 332 -0.26 6.61 -2.97
N LEU A 333 -0.32 5.28 -3.07
CA LEU A 333 0.79 4.43 -2.75
C LEU A 333 1.67 4.27 -3.99
N LEU A 334 2.93 4.64 -3.82
CA LEU A 334 3.91 4.63 -4.90
C LEU A 334 4.66 3.29 -4.87
N LYS A 335 4.12 2.34 -5.62
CA LYS A 335 4.70 1.02 -5.70
C LYS A 335 5.68 1.08 -6.85
N GLY A 336 6.97 1.12 -6.51
CA GLY A 336 8.00 1.42 -7.49
C GLY A 336 8.59 2.82 -7.36
N TYR A 337 8.45 3.45 -6.17
CA TYR A 337 9.00 4.81 -5.91
C TYR A 337 10.53 4.78 -5.97
N GLY A 338 11.12 3.59 -5.80
CA GLY A 338 12.55 3.45 -5.59
C GLY A 338 13.26 2.68 -6.70
N SER A 339 14.56 2.91 -6.82
CA SER A 339 15.40 2.08 -7.70
C SER A 339 14.83 2.10 -9.11
N GLU A 340 14.81 0.95 -9.79
CA GLU A 340 14.26 0.84 -11.16
C GLU A 340 12.74 0.65 -11.18
N GLY A 341 12.12 0.56 -10.00
CA GLY A 341 10.67 0.42 -9.88
C GLY A 341 10.27 -0.67 -8.86
N HIS A 342 9.07 -1.20 -9.02
CA HIS A 342 8.52 -2.17 -8.08
C HIS A 342 9.35 -3.46 -8.10
N ASP A 343 9.73 -3.92 -6.91
CA ASP A 343 10.57 -5.13 -6.76
C ASP A 343 11.93 -4.99 -7.43
N SER A 344 12.47 -3.78 -7.41
CA SER A 344 13.90 -3.52 -7.69
C SER A 344 14.54 -2.92 -6.45
N GLY A 345 15.78 -3.26 -6.16
CA GLY A 345 16.57 -2.48 -5.20
C GLY A 345 16.06 -2.47 -3.76
N HIS A 346 15.36 -3.53 -3.35
CA HIS A 346 14.75 -3.57 -2.02
C HIS A 346 15.78 -3.43 -0.89
N LEU A 347 15.29 -2.90 0.24
CA LEU A 347 16.05 -2.56 1.45
C LEU A 347 16.74 -1.21 1.42
N ASN A 348 17.14 -0.73 0.24
CA ASN A 348 17.75 0.59 0.18
C ASN A 348 16.65 1.63 0.10
N TYR A 349 16.06 1.94 1.26
CA TYR A 349 14.83 2.75 1.25
C TYR A 349 15.07 4.16 0.70
N ALA A 350 16.28 4.67 0.95
CA ALA A 350 16.69 6.01 0.54
C ALA A 350 16.95 6.14 -0.96
N ASP A 351 17.01 5.01 -1.66
CA ASP A 351 17.28 5.02 -3.11
C ASP A 351 16.00 5.37 -3.90
N ILE A 352 15.66 6.65 -3.93
CA ILE A 352 14.44 7.11 -4.59
C ILE A 352 14.70 7.06 -6.09
N GLY A 353 13.75 6.53 -6.84
CA GLY A 353 13.99 6.23 -8.26
C GLY A 353 14.40 7.43 -9.09
N LYS A 354 15.57 7.31 -9.70
CA LYS A 354 16.09 8.42 -10.50
C LYS A 354 15.33 8.64 -11.81
N ARG A 355 14.91 7.56 -12.47
CA ARG A 355 14.31 7.71 -13.80
C ARG A 355 12.90 8.27 -13.73
N ILE A 356 12.27 8.25 -12.53
CA ILE A 356 10.95 8.89 -12.39
C ILE A 356 11.05 10.32 -11.80
N GLY A 357 12.29 10.80 -11.61
CA GLY A 357 12.55 12.21 -11.26
C GLY A 357 13.31 12.43 -9.96
N GLY A 358 13.62 11.34 -9.28
CA GLY A 358 14.51 11.40 -8.12
C GLY A 358 13.88 12.11 -6.91
N VAL A 359 14.70 12.35 -5.89
CA VAL A 359 14.21 12.96 -4.63
C VAL A 359 13.63 14.36 -4.89
N GLU A 360 14.18 15.09 -5.85
CA GLU A 360 13.70 16.45 -6.14
CA GLU A 360 13.67 16.45 -6.03
C GLU A 360 12.24 16.44 -6.56
N ASP A 361 11.91 15.56 -7.50
CA ASP A 361 10.53 15.53 -7.98
C ASP A 361 9.60 14.88 -6.94
N PHE A 362 10.12 13.95 -6.15
CA PHE A 362 9.30 13.33 -5.10
C PHE A 362 8.93 14.44 -4.06
N LYS A 363 9.93 15.23 -3.64
CA LYS A 363 9.66 16.37 -2.75
C LYS A 363 8.60 17.32 -3.31
N THR A 364 8.73 17.65 -4.59
CA THR A 364 7.73 18.52 -5.22
C THR A 364 6.33 17.89 -5.21
N LEU A 365 6.24 16.62 -5.59
CA LEU A 365 4.95 15.91 -5.51
C LEU A 365 4.33 16.02 -4.12
N ILE A 366 5.12 15.70 -3.08
CA ILE A 366 4.60 15.70 -1.68
C ILE A 366 4.11 17.10 -1.33
N GLU A 367 4.92 18.12 -1.63
CA GLU A 367 4.57 19.49 -1.27
C GLU A 367 3.32 20.00 -1.98
N LYS A 368 3.29 19.86 -3.30
CA LYS A 368 2.17 20.37 -4.09
C LYS A 368 0.87 19.58 -3.86
N ALA A 369 0.98 18.32 -3.45
CA ALA A 369 -0.21 17.49 -3.22
C ALA A 369 -0.99 17.91 -1.97
N LYS A 370 -0.32 18.58 -1.04
CA LYS A 370 -0.92 18.92 0.27
C LYS A 370 -2.23 19.67 0.08
N LYS A 371 -2.23 20.64 -0.82
CA LYS A 371 -3.43 21.47 -0.97
C LYS A 371 -4.63 20.68 -1.51
N TYR A 372 -4.40 19.51 -2.10
CA TYR A 372 -5.49 18.66 -2.59
C TYR A 372 -5.83 17.57 -1.55
N GLY A 373 -5.24 17.68 -0.37
CA GLY A 373 -5.42 16.60 0.63
C GLY A 373 -4.99 15.23 0.13
N ALA A 374 -3.95 15.22 -0.71
CA ALA A 374 -3.47 13.95 -1.26
C ALA A 374 -2.18 13.58 -0.52
N HIS A 375 -2.21 12.44 0.15
CA HIS A 375 -1.11 11.95 0.96
C HIS A 375 -0.40 10.89 0.16
N LEU A 376 0.92 10.89 0.23
CA LEU A 376 1.70 9.90 -0.49
C LEU A 376 2.19 8.82 0.47
N GLY A 377 2.27 7.59 -0.04
CA GLY A 377 2.90 6.53 0.68
C GLY A 377 3.86 5.80 -0.24
N ILE A 378 4.80 5.03 0.33
CA ILE A 378 5.69 4.24 -0.49
C ILE A 378 5.63 2.77 -0.11
N HIS A 379 5.90 1.92 -1.09
CA HIS A 379 5.94 0.48 -0.90
C HIS A 379 7.39 0.10 -0.65
N VAL A 380 7.65 -0.53 0.50
CA VAL A 380 9.00 -1.01 0.85
C VAL A 380 8.94 -2.49 1.19
N ASN A 381 10.12 -3.10 1.38
CA ASN A 381 10.19 -4.53 1.69
C ASN A 381 11.27 -4.68 2.77
N ALA A 382 10.98 -5.48 3.79
CA ALA A 382 11.92 -5.70 4.88
C ALA A 382 12.11 -7.22 4.98
N SER A 383 11.94 -7.93 3.85
CA SER A 383 11.94 -9.40 3.88
C SER A 383 12.76 -10.09 2.80
N GLU A 384 13.04 -9.38 1.70
CA GLU A 384 13.77 -10.03 0.57
C GLU A 384 14.45 -8.94 -0.22
N THR A 385 15.54 -9.30 -0.89
CA THR A 385 16.32 -8.33 -1.64
C THR A 385 16.99 -8.99 -2.85
N TYR A 386 17.65 -8.20 -3.70
CA TYR A 386 18.30 -8.67 -4.92
C TYR A 386 19.75 -8.24 -4.92
N PRO A 387 20.60 -8.98 -5.66
CA PRO A 387 22.02 -8.70 -5.66
C PRO A 387 22.38 -7.24 -5.93
N GLU A 388 21.59 -6.58 -6.77
CA GLU A 388 21.83 -5.18 -7.11
C GLU A 388 21.81 -4.24 -5.89
N SER A 389 21.04 -4.59 -4.85
CA SER A 389 20.80 -3.65 -3.74
C SER A 389 22.07 -3.43 -2.94
N LYS A 390 22.32 -2.17 -2.58
CA LYS A 390 23.43 -1.79 -1.69
C LYS A 390 23.48 -2.66 -0.43
N TYR A 391 22.31 -3.12 0.03
CA TYR A 391 22.24 -3.89 1.30
C TYR A 391 22.24 -5.42 1.14
N PHE A 392 22.33 -5.89 -0.10
CA PHE A 392 22.56 -7.30 -0.35
C PHE A 392 23.97 -7.62 0.13
N ASN A 393 24.06 -8.55 1.08
CA ASN A 393 25.34 -8.98 1.63
C ASN A 393 25.11 -10.40 2.15
N GLU A 394 26.13 -11.25 2.13
CA GLU A 394 25.95 -12.64 2.61
C GLU A 394 25.37 -12.68 4.04
N LYS A 395 25.79 -11.75 4.87
CA LYS A 395 25.43 -11.78 6.31
C LYS A 395 23.95 -11.57 6.61
N ILE A 396 23.29 -10.79 5.75
CA ILE A 396 21.85 -10.52 5.94
C ILE A 396 20.92 -11.60 5.35
N LEU A 397 21.44 -12.43 4.46
CA LEU A 397 20.61 -13.41 3.76
C LEU A 397 20.11 -14.53 4.66
N ARG A 398 18.86 -14.90 4.46
CA ARG A 398 18.25 -15.99 5.21
C ARG A 398 18.68 -17.33 4.65
N LYS A 399 19.16 -18.21 5.51
CA LYS A 399 19.56 -19.55 5.08
C LYS A 399 18.66 -20.57 5.74
N ASN A 400 18.41 -21.67 5.04
CA ASN A 400 17.69 -22.82 5.59
C ASN A 400 18.59 -23.59 6.59
N PRO A 401 18.00 -24.51 7.39
CA PRO A 401 18.83 -25.28 8.31
C PRO A 401 19.96 -26.05 7.60
N ASP A 402 19.72 -26.57 6.39
CA ASP A 402 20.77 -27.25 5.63
C ASP A 402 21.85 -26.33 5.01
N GLY A 403 21.74 -25.02 5.24
CA GLY A 403 22.71 -24.06 4.74
C GLY A 403 22.40 -23.44 3.38
N SER A 404 21.37 -23.95 2.71
CA SER A 404 20.98 -23.40 1.40
C SER A 404 20.30 -22.04 1.61
N TYR A 405 20.35 -21.20 0.57
CA TYR A 405 19.63 -19.93 0.59
C TYR A 405 18.14 -20.13 0.63
N SER A 406 17.46 -19.29 1.41
CA SER A 406 16.01 -19.21 1.37
C SER A 406 15.69 -18.26 0.19
N TYR A 407 15.50 -18.84 -1.00
CA TYR A 407 15.28 -18.00 -2.19
C TYR A 407 13.92 -17.33 -2.14
N GLY A 408 13.88 -16.08 -2.58
CA GLY A 408 12.63 -15.32 -2.70
C GLY A 408 12.10 -15.36 -4.12
N TRP A 409 11.35 -14.34 -4.55
N TRP A 409 11.55 -14.21 -4.51
CA TRP A 409 10.79 -14.46 -5.89
CA TRP A 409 10.90 -13.91 -5.79
C TRP A 409 11.79 -14.03 -6.93
C TRP A 409 11.89 -13.92 -6.98
N ASN A 410 11.60 -14.64 -8.08
CA ASN A 410 12.35 -14.44 -9.27
C ASN A 410 11.45 -13.76 -10.31
N TRP A 411 11.91 -12.61 -10.82
N TRP A 411 11.83 -12.56 -10.76
CA TRP A 411 11.17 -11.96 -11.89
CA TRP A 411 11.03 -11.84 -11.78
C TRP A 411 12.09 -11.13 -12.77
C TRP A 411 11.93 -11.08 -12.75
N LEU A 412 12.45 -9.92 -12.32
CA LEU A 412 13.48 -9.18 -13.04
C LEU A 412 14.83 -9.78 -12.72
N ASP A 413 15.00 -10.18 -11.45
CA ASP A 413 16.19 -10.83 -10.95
C ASP A 413 15.70 -11.87 -9.95
N GLN A 414 16.61 -12.72 -9.49
CA GLN A 414 16.29 -13.69 -8.43
C GLN A 414 16.55 -13.09 -7.06
N GLY A 415 15.49 -12.92 -6.27
CA GLY A 415 15.59 -12.40 -4.89
C GLY A 415 15.99 -13.49 -3.91
N ILE A 416 16.56 -13.07 -2.79
CA ILE A 416 16.82 -14.01 -1.70
C ILE A 416 16.17 -13.37 -0.45
N ASN A 417 15.49 -14.18 0.34
CA ASN A 417 14.92 -13.72 1.58
C ASN A 417 16.02 -13.28 2.55
N ILE A 418 15.72 -12.28 3.37
CA ILE A 418 16.67 -11.85 4.38
C ILE A 418 16.18 -12.30 5.75
N ASP A 419 17.09 -12.29 6.70
CA ASP A 419 16.79 -12.71 8.04
C ASP A 419 16.44 -11.45 8.85
N ALA A 420 15.14 -11.27 9.12
CA ALA A 420 14.65 -10.00 9.68
C ALA A 420 15.17 -9.80 11.09
N ALA A 421 15.32 -10.90 11.83
CA ALA A 421 15.83 -10.77 13.19
C ALA A 421 17.31 -10.32 13.17
N TYR A 422 18.11 -10.93 12.30
CA TYR A 422 19.48 -10.46 12.06
C TYR A 422 19.47 -8.96 11.70
N ASP A 423 18.57 -8.59 10.78
CA ASP A 423 18.54 -7.25 10.25
C ASP A 423 18.29 -6.24 11.40
N LEU A 424 17.30 -6.53 12.22
CA LEU A 424 16.98 -5.70 13.38
C LEU A 424 18.20 -5.54 14.29
N ALA A 425 18.93 -6.64 14.49
CA ALA A 425 20.09 -6.65 15.38
C ALA A 425 21.32 -5.98 14.77
N HIS A 426 21.25 -5.66 13.47
CA HIS A 426 22.39 -5.09 12.76
C HIS A 426 22.00 -3.87 11.92
N GLY A 427 21.35 -2.89 12.55
CA GLY A 427 21.25 -1.58 11.92
C GLY A 427 20.08 -1.30 10.98
N ARG A 428 19.02 -2.13 11.02
CA ARG A 428 17.85 -1.83 10.16
C ARG A 428 17.35 -0.42 10.33
N LEU A 429 17.29 0.04 11.59
CA LEU A 429 16.78 1.39 11.90
C LEU A 429 17.42 2.50 11.04
N ALA A 430 18.74 2.42 10.90
CA ALA A 430 19.45 3.44 10.15
C ALA A 430 18.98 3.57 8.69
N ARG A 431 18.49 2.49 8.09
CA ARG A 431 17.97 2.59 6.72
C ARG A 431 16.76 3.50 6.66
N TRP A 432 15.87 3.44 7.66
CA TRP A 432 14.71 4.36 7.66
C TRP A 432 15.17 5.78 7.88
N GLU A 433 16.13 5.96 8.80
CA GLU A 433 16.69 7.29 9.08
C GLU A 433 17.32 7.91 7.85
N ASP A 434 18.03 7.10 7.06
CA ASP A 434 18.62 7.59 5.79
C ASP A 434 17.56 8.13 4.81
N LEU A 435 16.49 7.37 4.67
CA LEU A 435 15.37 7.82 3.83
C LEU A 435 14.77 9.11 4.35
N LYS A 436 14.55 9.19 5.66
CA LYS A 436 13.99 10.41 6.25
C LYS A 436 14.92 11.61 6.01
N LYS A 437 16.23 11.41 6.16
CA LYS A 437 17.21 12.49 5.96
C LYS A 437 17.14 12.96 4.51
N LYS A 438 17.02 12.03 3.57
CA LYS A 438 17.06 12.40 2.14
C LYS A 438 15.76 13.04 1.69
N LEU A 439 14.65 12.43 2.08
CA LEU A 439 13.35 12.85 1.59
C LEU A 439 12.76 14.08 2.32
N GLY A 440 13.03 14.17 3.61
CA GLY A 440 12.45 15.25 4.42
C GLY A 440 11.05 14.91 4.90
N ASP A 441 10.26 15.96 5.16
CA ASP A 441 8.97 15.84 5.87
C ASP A 441 7.84 15.65 4.88
N GLY A 442 6.69 15.22 5.38
CA GLY A 442 5.46 15.29 4.58
C GLY A 442 5.00 13.98 3.97
N LEU A 443 5.88 12.97 3.90
CA LEU A 443 5.42 11.66 3.45
C LEU A 443 4.43 11.14 4.49
N ASP A 444 3.33 10.53 4.03
CA ASP A 444 2.33 10.03 4.96
C ASP A 444 2.66 8.62 5.47
N PHE A 445 2.61 7.62 4.58
CA PHE A 445 2.64 6.24 5.04
C PHE A 445 3.71 5.36 4.40
N ILE A 446 4.17 4.38 5.17
CA ILE A 446 5.02 3.32 4.65
C ILE A 446 4.17 2.06 4.61
N TYR A 447 4.06 1.48 3.42
CA TYR A 447 3.40 0.18 3.26
C TYR A 447 4.53 -0.86 3.17
N VAL A 448 4.61 -1.76 4.14
CA VAL A 448 5.66 -2.79 4.14
C VAL A 448 5.03 -4.05 3.52
N ASP A 449 5.47 -4.38 2.31
CA ASP A 449 4.92 -5.53 1.60
C ASP A 449 5.40 -6.83 2.26
N VAL A 450 4.60 -7.90 2.13
CA VAL A 450 5.04 -9.26 2.49
CA VAL A 450 4.82 -9.29 2.55
C VAL A 450 5.08 -9.55 4.02
N TRP A 451 5.62 -8.59 4.76
CA TRP A 451 5.82 -8.76 6.19
C TRP A 451 4.59 -9.41 6.86
N GLY A 452 4.81 -10.48 7.60
CA GLY A 452 3.71 -11.20 8.24
C GLY A 452 3.54 -12.60 7.67
N ASN A 453 4.19 -12.86 6.54
CA ASN A 453 4.06 -14.18 5.90
C ASN A 453 5.22 -15.10 6.27
N GLY A 454 6.15 -14.61 7.07
CA GLY A 454 7.31 -15.38 7.52
C GLY A 454 8.47 -15.63 6.55
N GLN A 455 8.45 -15.02 5.37
CA GLN A 455 9.59 -15.12 4.43
C GLN A 455 10.91 -14.78 5.08
N SER A 456 10.88 -13.79 5.98
CA SER A 456 12.12 -13.31 6.59
C SER A 456 12.22 -13.80 8.01
N GLY A 457 11.49 -14.87 8.34
CA GLY A 457 11.50 -15.43 9.70
C GLY A 457 10.36 -14.87 10.52
N ASP A 458 10.65 -14.56 11.78
CA ASP A 458 9.62 -14.12 12.71
C ASP A 458 9.07 -12.74 12.28
N ASN A 459 7.77 -12.69 11.98
CA ASN A 459 7.12 -11.43 11.60
C ASN A 459 5.89 -11.27 12.50
N GLY A 460 5.95 -11.79 13.73
CA GLY A 460 4.78 -11.86 14.62
C GLY A 460 4.51 -10.52 15.33
N ALA A 461 3.69 -10.56 16.36
CA ALA A 461 3.23 -9.33 17.02
C ALA A 461 4.39 -8.49 17.56
N TRP A 462 5.33 -9.12 18.30
CA TRP A 462 6.46 -8.40 18.87
C TRP A 462 7.32 -7.78 17.76
N ALA A 463 7.66 -8.58 16.76
CA ALA A 463 8.58 -8.13 15.70
C ALA A 463 7.92 -7.03 14.87
N THR A 464 6.60 -7.14 14.69
CA THR A 464 5.87 -6.14 13.92
C THR A 464 5.80 -4.82 14.69
N HIS A 465 5.58 -4.89 16.00
CA HIS A 465 5.54 -3.70 16.82
C HIS A 465 6.87 -2.96 16.75
N VAL A 466 7.99 -3.70 16.85
CA VAL A 466 9.31 -3.09 16.70
C VAL A 466 9.49 -2.39 15.33
N LEU A 467 9.16 -3.10 14.26
CA LEU A 467 9.25 -2.55 12.90
C LEU A 467 8.39 -1.28 12.79
N ALA A 468 7.15 -1.36 13.30
CA ALA A 468 6.23 -0.21 13.21
C ALA A 468 6.78 0.99 13.96
N LYS A 469 7.40 0.72 15.11
CA LYS A 469 7.98 1.78 15.93
C LYS A 469 9.12 2.48 15.18
N GLU A 470 9.93 1.70 14.45
CA GLU A 470 11.01 2.33 13.66
C GLU A 470 10.45 3.33 12.66
N ILE A 471 9.42 2.88 11.97
CA ILE A 471 8.76 3.66 10.92
C ILE A 471 8.02 4.87 11.51
N ASN A 472 7.24 4.64 12.57
CA ASN A 472 6.48 5.71 13.21
C ASN A 472 7.44 6.78 13.73
N LYS A 473 8.62 6.35 14.22
CA LYS A 473 9.60 7.32 14.79
C LYS A 473 10.08 8.33 13.75
N GLN A 474 10.06 7.97 12.46
CA GLN A 474 10.44 8.91 11.43
C GLN A 474 9.29 9.86 11.09
N GLY A 475 8.14 9.65 11.71
CA GLY A 475 6.94 10.48 11.45
C GLY A 475 5.98 9.86 10.45
N TRP A 476 6.16 8.58 10.15
CA TRP A 476 5.35 7.91 9.14
C TRP A 476 4.30 6.97 9.74
N ARG A 477 3.18 6.86 9.03
CA ARG A 477 2.07 5.98 9.38
C ARG A 477 2.31 4.56 8.83
N PHE A 478 1.90 3.54 9.58
CA PHE A 478 2.22 2.16 9.21
C PHE A 478 1.05 1.52 8.45
N ALA A 479 1.39 0.78 7.39
CA ALA A 479 0.45 0.04 6.56
C ALA A 479 1.09 -1.31 6.17
N ILE A 480 0.25 -2.33 6.01
CA ILE A 480 0.79 -3.66 5.73
CA ILE A 480 0.67 -3.72 5.91
C ILE A 480 -0.16 -4.44 4.82
N GLU A 481 0.26 -5.64 4.43
CA GLU A 481 -0.45 -6.39 3.40
C GLU A 481 -1.68 -7.18 3.91
N TRP A 482 -1.46 -7.98 4.96
CA TRP A 482 -2.40 -9.02 5.37
C TRP A 482 -3.51 -8.51 6.28
N GLY A 483 -4.66 -9.15 6.18
CA GLY A 483 -5.79 -8.84 7.06
C GLY A 483 -5.38 -9.04 8.52
N HIS A 484 -4.53 -10.03 8.75
CA HIS A 484 -4.08 -10.34 10.10
C HIS A 484 -2.80 -9.61 10.57
N GLY A 485 -2.19 -8.79 9.71
CA GLY A 485 -0.88 -8.18 10.06
C GLY A 485 -1.07 -6.89 10.87
N GLY A 486 -0.04 -6.53 11.65
CA GLY A 486 0.01 -5.22 12.31
C GLY A 486 -1.27 -4.82 13.04
N GLU A 487 -1.85 -5.73 13.83
CA GLU A 487 -3.14 -5.38 14.44
C GLU A 487 -2.98 -4.18 15.38
N TYR A 488 -1.84 -4.12 16.06
CA TYR A 488 -1.57 -3.07 17.03
C TYR A 488 -1.30 -1.72 16.35
N ASP A 489 -0.49 -1.70 15.30
CA ASP A 489 0.03 -0.41 14.74
C ASP A 489 -0.46 -0.01 13.36
N SER A 490 -1.04 -0.96 12.62
CA SER A 490 -1.40 -0.65 11.23
C SER A 490 -2.65 0.19 11.13
N THR A 491 -2.73 0.99 10.06
CA THR A 491 -3.90 1.84 9.79
C THR A 491 -4.54 1.43 8.45
N PHE A 492 -3.93 0.46 7.76
CA PHE A 492 -4.36 0.06 6.40
C PHE A 492 -3.83 -1.34 6.10
N HIS A 493 -4.70 -2.19 5.57
CA HIS A 493 -4.34 -3.55 5.24
C HIS A 493 -4.74 -3.78 3.80
N HIS A 494 -3.77 -4.02 2.94
CA HIS A 494 -4.12 -4.13 1.52
C HIS A 494 -5.13 -5.25 1.22
N TRP A 495 -5.00 -6.40 1.86
CA TRP A 495 -5.97 -7.50 1.67
C TRP A 495 -7.33 -7.30 2.34
N ALA A 496 -7.46 -6.29 3.20
CA ALA A 496 -8.78 -5.85 3.67
C ALA A 496 -9.38 -4.87 2.66
N ALA A 497 -8.56 -3.96 2.14
CA ALA A 497 -9.06 -2.82 1.32
C ALA A 497 -9.30 -3.19 -0.14
N ASP A 498 -8.48 -4.08 -0.71
CA ASP A 498 -8.79 -4.59 -2.04
C ASP A 498 -9.61 -5.85 -1.88
N LEU A 499 -10.91 -5.73 -2.11
CA LEU A 499 -11.83 -6.80 -1.75
C LEU A 499 -11.63 -7.99 -2.67
N THR A 500 -11.03 -7.77 -3.84
CA THR A 500 -10.82 -8.89 -4.76
C THR A 500 -9.73 -9.87 -4.34
N TYR A 501 -8.81 -9.50 -3.44
CA TYR A 501 -7.71 -10.43 -3.13
C TYR A 501 -8.07 -11.58 -2.22
N GLY A 502 -7.50 -12.75 -2.52
CA GLY A 502 -7.38 -13.81 -1.49
C GLY A 502 -8.60 -14.64 -1.11
N GLY A 503 -9.78 -14.20 -1.51
CA GLY A 503 -10.98 -14.97 -1.21
C GLY A 503 -11.44 -14.84 0.23
N TYR A 504 -12.49 -15.58 0.55
CA TYR A 504 -13.24 -15.30 1.78
C TYR A 504 -12.49 -15.58 3.09
N THR A 505 -11.41 -16.36 3.03
CA THR A 505 -10.67 -16.69 4.25
C THR A 505 -9.57 -15.69 4.59
N ASN A 506 -9.36 -14.71 3.70
CA ASN A 506 -8.17 -13.84 3.75
C ASN A 506 -8.50 -12.36 3.73
N LYS A 507 -9.65 -11.98 4.30
CA LYS A 507 -10.06 -10.57 4.21
C LYS A 507 -9.75 -9.83 5.52
N GLY A 508 -10.48 -8.75 5.79
CA GLY A 508 -10.25 -7.96 7.00
C GLY A 508 -10.71 -8.62 8.29
N ILE A 509 -10.65 -7.86 9.38
CA ILE A 509 -10.87 -8.41 10.72
C ILE A 509 -12.36 -8.61 10.95
N ASN A 510 -12.77 -9.87 10.97
CA ASN A 510 -14.18 -10.20 11.12
C ASN A 510 -14.55 -10.26 12.61
N SER A 511 -14.70 -9.09 13.21
CA SER A 511 -15.05 -8.96 14.63
C SER A 511 -15.87 -7.72 14.80
N ALA A 512 -17.11 -7.87 15.27
CA ALA A 512 -17.96 -6.70 15.65
C ALA A 512 -17.33 -5.90 16.80
N ILE A 513 -16.81 -6.60 17.81
CA ILE A 513 -16.21 -5.91 18.95
C ILE A 513 -15.04 -5.03 18.46
N THR A 514 -14.17 -5.58 17.62
CA THR A 514 -12.98 -4.86 17.22
C THR A 514 -13.38 -3.70 16.31
N ARG A 515 -14.32 -3.95 15.40
CA ARG A 515 -14.75 -2.88 14.49
C ARG A 515 -15.49 -1.79 15.23
N PHE A 516 -16.32 -2.17 16.21
CA PHE A 516 -16.96 -1.19 17.08
C PHE A 516 -15.90 -0.22 17.62
N ILE A 517 -14.84 -0.79 18.18
CA ILE A 517 -13.85 0.02 18.84
C ILE A 517 -13.07 0.91 17.88
N ARG A 518 -12.65 0.33 16.75
CA ARG A 518 -11.61 0.97 15.93
C ARG A 518 -12.02 1.32 14.49
N ASN A 519 -13.30 1.17 14.17
CA ASN A 519 -13.71 1.45 12.78
C ASN A 519 -13.17 2.76 12.20
N HIS A 520 -13.16 3.80 13.02
CA HIS A 520 -12.80 5.17 12.57
C HIS A 520 -11.30 5.38 12.44
N GLN A 521 -10.51 4.37 12.84
CA GLN A 521 -9.05 4.55 12.92
C GLN A 521 -8.21 3.84 11.84
N LYS A 522 -8.84 3.01 11.03
CA LYS A 522 -8.08 2.19 10.10
C LYS A 522 -8.98 1.60 9.07
N ASP A 523 -8.38 1.19 7.95
CA ASP A 523 -9.12 0.42 6.94
C ASP A 523 -8.62 -0.99 7.04
N ALA A 524 -9.30 -1.75 7.88
CA ALA A 524 -8.83 -3.09 8.31
C ALA A 524 -9.99 -4.09 8.34
N TRP A 525 -11.12 -3.73 7.74
CA TRP A 525 -12.40 -4.38 8.04
C TRP A 525 -12.91 -5.21 6.88
N VAL A 526 -14.07 -5.84 7.09
CA VAL A 526 -14.75 -6.59 6.03
C VAL A 526 -15.64 -5.64 5.23
N GLY A 527 -15.34 -5.48 3.95
CA GLY A 527 -16.14 -4.63 3.07
C GLY A 527 -17.15 -5.45 2.30
N ASP A 528 -17.95 -4.78 1.48
CA ASP A 528 -19.03 -5.47 0.75
C ASP A 528 -18.52 -6.24 -0.43
N TYR A 529 -18.66 -7.55 -0.35
CA TYR A 529 -18.25 -8.41 -1.43
C TYR A 529 -19.10 -9.65 -1.32
N ARG A 530 -20.25 -9.56 -1.98
CA ARG A 530 -21.35 -10.50 -1.78
C ARG A 530 -20.91 -11.95 -1.87
N SER A 531 -20.03 -12.27 -2.81
CA SER A 531 -19.67 -13.67 -3.06
C SER A 531 -18.83 -14.33 -1.97
N TYR A 532 -18.42 -13.55 -0.98
CA TYR A 532 -17.73 -14.14 0.20
C TYR A 532 -18.71 -14.45 1.30
N GLY A 533 -19.93 -13.97 1.19
CA GLY A 533 -20.93 -14.21 2.23
C GLY A 533 -20.55 -13.70 3.61
N GLY A 534 -21.18 -14.28 4.62
CA GLY A 534 -20.99 -13.87 6.02
C GLY A 534 -20.99 -12.36 6.20
N ALA A 535 -19.96 -11.87 6.90
CA ALA A 535 -19.82 -10.45 7.21
C ALA A 535 -19.67 -9.56 5.98
N ALA A 536 -19.26 -10.16 4.85
CA ALA A 536 -19.02 -9.43 3.60
C ALA A 536 -20.31 -9.24 2.80
N ASN A 537 -21.39 -9.88 3.23
CA ASN A 537 -22.66 -9.64 2.53
C ASN A 537 -23.33 -8.37 3.03
N TYR A 538 -22.85 -7.23 2.52
CA TYR A 538 -23.39 -5.90 2.84
C TYR A 538 -23.18 -5.51 4.33
N PRO A 539 -21.92 -5.32 4.74
CA PRO A 539 -21.66 -4.79 6.07
C PRO A 539 -22.31 -3.41 6.19
N LEU A 540 -23.00 -3.16 7.30
CA LEU A 540 -23.67 -1.86 7.47
C LEU A 540 -22.70 -0.66 7.48
N LEU A 541 -21.47 -0.86 7.97
CA LEU A 541 -20.52 0.24 8.02
C LEU A 541 -19.74 0.37 6.70
N GLY A 542 -20.13 -0.41 5.69
CA GLY A 542 -19.38 -0.47 4.43
C GLY A 542 -18.01 -1.10 4.69
N GLY A 543 -16.96 -0.45 4.19
CA GLY A 543 -15.62 -1.00 4.33
C GLY A 543 -14.87 -0.65 3.06
N TYR A 544 -13.63 -0.20 3.22
CA TYR A 544 -12.88 0.35 2.12
C TYR A 544 -12.78 -0.61 0.95
N SER A 545 -13.06 -0.11 -0.26
CA SER A 545 -12.93 -0.89 -1.47
C SER A 545 -11.98 -0.15 -2.39
N MET A 546 -10.80 -0.75 -2.61
CA MET A 546 -9.75 -0.10 -3.35
C MET A 546 -9.69 -0.61 -4.80
N LYS A 547 -9.68 0.33 -5.72
CA LYS A 547 -9.38 0.06 -7.13
C LYS A 547 -8.25 1.02 -7.55
N ASP A 548 -7.80 0.89 -8.80
CA ASP A 548 -6.62 1.65 -9.25
C ASP A 548 -6.78 1.98 -10.72
N PHE A 549 -6.08 3.02 -11.18
CA PHE A 549 -6.01 3.24 -12.62
C PHE A 549 -4.61 3.55 -13.13
N GLU A 550 -3.61 3.52 -12.24
CA GLU A 550 -2.24 3.88 -12.65
C GLU A 550 -1.26 2.71 -12.67
N GLY A 551 -1.75 1.55 -13.14
CA GLY A 551 -0.84 0.52 -13.65
C GLY A 551 -0.64 -0.71 -12.78
N TRP A 552 -1.03 -0.63 -11.51
CA TRP A 552 -0.92 -1.79 -10.61
C TRP A 552 -1.80 -2.94 -11.13
N GLN A 553 -1.20 -4.11 -11.34
CA GLN A 553 -1.90 -5.25 -11.95
C GLN A 553 -2.54 -4.89 -13.26
N GLY A 554 -1.91 -3.97 -13.99
CA GLY A 554 -2.44 -3.51 -15.27
C GLY A 554 -3.74 -2.71 -15.17
N ARG A 555 -4.08 -2.19 -13.99
CA ARG A 555 -5.37 -1.50 -13.82
C ARG A 555 -5.29 -0.10 -14.40
N SER A 556 -6.27 0.23 -15.24
CA SER A 556 -6.27 1.49 -15.99
C SER A 556 -7.66 2.14 -16.00
N ASP A 557 -8.63 1.50 -15.36
CA ASP A 557 -10.02 1.95 -15.52
C ASP A 557 -10.34 3.16 -14.62
N TYR A 558 -10.08 4.37 -15.15
CA TYR A 558 -10.31 5.63 -14.44
C TYR A 558 -11.77 5.78 -14.05
N ASN A 559 -12.68 5.60 -15.01
CA ASN A 559 -14.11 5.83 -14.70
C ASN A 559 -14.62 4.86 -13.64
N GLY A 560 -14.25 3.58 -13.78
CA GLY A 560 -14.64 2.56 -12.78
C GLY A 560 -14.04 2.89 -11.40
N TYR A 561 -12.84 3.47 -11.42
CA TYR A 561 -12.19 3.88 -10.15
C TYR A 561 -13.09 4.89 -9.43
N VAL A 562 -13.52 5.92 -10.18
CA VAL A 562 -14.33 6.99 -9.61
C VAL A 562 -15.72 6.50 -9.16
N THR A 563 -16.39 5.69 -10.00
CA THR A 563 -17.70 5.16 -9.64
CA THR A 563 -17.71 5.20 -9.61
C THR A 563 -17.61 4.33 -8.35
N ASN A 564 -16.55 3.53 -8.25
CA ASN A 564 -16.34 2.74 -7.03
C ASN A 564 -16.09 3.59 -5.78
N LEU A 565 -15.36 4.69 -5.91
CA LEU A 565 -15.20 5.62 -4.80
C LEU A 565 -16.57 6.00 -4.25
N PHE A 566 -17.47 6.38 -5.14
CA PHE A 566 -18.78 6.84 -4.69
C PHE A 566 -19.69 5.70 -4.27
N ALA A 567 -19.53 4.53 -4.89
CA ALA A 567 -20.43 3.41 -4.56
C ALA A 567 -20.15 2.79 -3.18
N HIS A 568 -18.88 2.84 -2.74
CA HIS A 568 -18.46 2.19 -1.48
C HIS A 568 -17.78 3.13 -0.51
N ASP A 569 -16.87 3.96 -1.02
CA ASP A 569 -15.94 4.63 -0.15
C ASP A 569 -16.40 5.92 0.49
N VAL A 570 -17.21 6.71 -0.22
CA VAL A 570 -17.76 7.92 0.39
C VAL A 570 -18.50 7.63 1.72
N MET A 571 -19.42 6.67 1.69
CA MET A 571 -20.19 6.39 2.93
C MET A 571 -19.33 5.67 3.95
N THR A 572 -18.45 4.77 3.51
CA THR A 572 -17.47 4.19 4.43
C THR A 572 -16.73 5.30 5.21
N LYS A 573 -16.22 6.28 4.48
CA LYS A 573 -15.46 7.34 5.09
C LYS A 573 -16.35 8.27 5.93
N TYR A 574 -17.58 8.47 5.47
CA TYR A 574 -18.53 9.30 6.23
C TYR A 574 -18.63 8.72 7.64
N PHE A 575 -18.89 7.40 7.71
CA PHE A 575 -19.03 6.78 9.03
C PHE A 575 -17.78 6.89 9.90
N GLN A 576 -16.60 6.91 9.28
CA GLN A 576 -15.36 7.05 10.06
C GLN A 576 -15.17 8.43 10.69
N HIS A 577 -16.04 9.40 10.34
CA HIS A 577 -16.02 10.70 10.99
C HIS A 577 -16.80 10.69 12.31
N PHE A 578 -17.30 9.50 12.66
CA PHE A 578 -18.02 9.27 13.94
C PHE A 578 -17.42 8.05 14.62
N THR A 579 -17.73 7.89 15.91
CA THR A 579 -17.38 6.65 16.61
C THR A 579 -18.62 5.82 16.88
N VAL A 580 -18.48 4.50 16.75
CA VAL A 580 -19.61 3.60 16.99
C VAL A 580 -20.06 3.70 18.45
N SER A 581 -21.38 3.78 18.66
CA SER A 581 -21.88 3.90 20.04
C SER A 581 -22.79 2.71 20.42
N LYS A 582 -23.38 2.08 19.43
CA LYS A 582 -24.31 0.95 19.67
C LYS A 582 -24.30 0.01 18.49
N TRP A 583 -24.46 -1.27 18.76
CA TRP A 583 -24.36 -2.28 17.75
C TRP A 583 -25.41 -3.34 18.08
N GLU A 584 -26.35 -3.57 17.18
CA GLU A 584 -27.44 -4.53 17.44
C GLU A 584 -27.43 -5.60 16.36
N ASN A 585 -27.26 -6.85 16.78
CA ASN A 585 -27.39 -7.99 15.88
C ASN A 585 -28.84 -8.45 15.71
N GLY A 586 -29.08 -9.14 14.62
CA GLY A 586 -30.40 -9.68 14.30
C GLY A 586 -30.36 -11.17 14.53
N THR A 587 -31.29 -11.88 13.90
CA THR A 587 -31.33 -13.30 14.09
C THR A 587 -30.44 -14.01 13.05
N PRO A 588 -29.96 -15.22 13.41
CA PRO A 588 -29.09 -15.97 12.51
C PRO A 588 -29.75 -16.23 11.18
N VAL A 589 -28.95 -16.20 10.11
CA VAL A 589 -29.43 -16.52 8.77
C VAL A 589 -28.62 -17.69 8.26
N THR A 590 -29.11 -18.34 7.22
CA THR A 590 -28.37 -19.43 6.60
C THR A 590 -27.90 -18.95 5.24
N MET A 591 -26.62 -19.14 4.98
CA MET A 591 -26.03 -18.78 3.70
CA MET A 591 -26.01 -18.77 3.72
C MET A 591 -25.31 -19.97 3.10
N THR A 592 -25.20 -20.00 1.77
CA THR A 592 -24.45 -21.02 1.10
C THR A 592 -23.55 -20.35 0.08
N ASP A 593 -22.24 -20.54 0.26
CA ASP A 593 -21.26 -20.03 -0.71
C ASP A 593 -19.90 -20.63 -0.37
N ASN A 594 -18.99 -20.63 -1.34
CA ASN A 594 -17.61 -21.11 -1.13
C ASN A 594 -17.54 -22.54 -0.60
N GLY A 595 -18.50 -23.34 -1.05
CA GLY A 595 -18.52 -24.75 -0.71
C GLY A 595 -19.10 -25.10 0.65
N SER A 596 -19.73 -24.17 1.35
CA SER A 596 -20.39 -24.59 2.59
CA SER A 596 -20.33 -24.49 2.66
C SER A 596 -21.71 -23.88 2.83
N THR A 597 -22.53 -24.50 3.67
CA THR A 597 -23.77 -23.91 4.12
C THR A 597 -23.58 -23.68 5.61
N TYR A 598 -23.83 -22.46 6.07
CA TYR A 598 -23.38 -22.09 7.41
C TYR A 598 -24.33 -21.04 8.01
N LYS A 599 -24.32 -20.90 9.33
CA LYS A 599 -25.09 -19.85 9.99
C LYS A 599 -24.25 -18.59 10.16
N TRP A 600 -24.92 -17.44 10.04
CA TRP A 600 -24.25 -16.14 10.20
C TRP A 600 -25.23 -15.22 10.93
N THR A 601 -24.75 -14.51 11.94
CA THR A 601 -25.59 -13.56 12.66
C THR A 601 -25.23 -12.13 12.26
N PRO A 602 -26.14 -11.44 11.54
CA PRO A 602 -25.76 -10.15 10.97
C PRO A 602 -26.04 -8.99 11.88
N GLU A 603 -25.23 -7.94 11.77
CA GLU A 603 -25.57 -6.68 12.40
C GLU A 603 -26.80 -6.10 11.66
N MET A 604 -27.76 -5.61 12.44
CA MET A 604 -29.02 -5.06 11.89
C MET A 604 -29.10 -3.56 12.10
N ARG A 605 -28.42 -3.04 13.12
CA ARG A 605 -28.47 -1.60 13.40
CA ARG A 605 -28.43 -1.60 13.36
C ARG A 605 -27.17 -1.18 14.09
N VAL A 606 -26.53 -0.15 13.55
CA VAL A 606 -25.32 0.39 14.17
C VAL A 606 -25.57 1.88 14.36
N GLU A 607 -25.29 2.39 15.56
CA GLU A 607 -25.34 3.82 15.84
C GLU A 607 -23.96 4.39 16.06
N LEU A 608 -23.74 5.64 15.64
CA LEU A 608 -22.46 6.32 15.77
C LEU A 608 -22.76 7.74 16.22
N VAL A 609 -21.77 8.36 16.85
CA VAL A 609 -21.88 9.72 17.38
C VAL A 609 -20.59 10.48 17.16
N ASP A 610 -20.63 11.81 17.29
CA ASP A 610 -19.41 12.60 17.26
C ASP A 610 -19.39 13.56 18.44
N ALA A 611 -18.33 14.38 18.54
CA ALA A 611 -18.15 15.25 19.69
C ALA A 611 -19.18 16.39 19.72
N ASP A 612 -19.89 16.61 18.63
CA ASP A 612 -20.98 17.61 18.59
C ASP A 612 -22.34 16.99 18.87
N ASN A 613 -22.32 15.74 19.31
CA ASN A 613 -23.53 14.96 19.57
CA ASN A 613 -23.55 14.98 19.59
C ASN A 613 -24.42 14.76 18.35
N ASN A 614 -23.83 14.80 17.15
CA ASN A 614 -24.55 14.28 15.99
C ASN A 614 -24.75 12.78 16.16
N LYS A 615 -25.89 12.28 15.73
CA LYS A 615 -26.19 10.88 15.86
C LYS A 615 -26.52 10.28 14.51
N VAL A 616 -25.76 9.25 14.15
CA VAL A 616 -25.99 8.53 12.91
C VAL A 616 -26.54 7.17 13.24
N VAL A 617 -27.59 6.77 12.54
CA VAL A 617 -28.19 5.43 12.71
C VAL A 617 -28.24 4.73 11.39
N VAL A 618 -27.60 3.58 11.34
CA VAL A 618 -27.55 2.79 10.13
C VAL A 618 -28.34 1.50 10.34
N THR A 619 -29.38 1.26 9.53
CA THR A 619 -30.24 0.10 9.74
C THR A 619 -30.34 -0.75 8.51
N ARG A 620 -30.10 -2.06 8.64
CA ARG A 620 -30.33 -3.00 7.53
C ARG A 620 -31.82 -3.07 7.27
N LYS A 621 -32.21 -3.10 6.00
CA LYS A 621 -33.63 -2.99 5.69
C LYS A 621 -34.41 -4.28 5.95
N SER A 622 -33.75 -5.43 5.87
CA SER A 622 -34.37 -6.70 6.28
C SER A 622 -33.31 -7.67 6.81
N ASN A 623 -33.70 -8.51 7.76
CA ASN A 623 -32.89 -9.61 8.30
C ASN A 623 -33.00 -10.84 7.41
N ASP A 624 -33.93 -10.80 6.46
CA ASP A 624 -34.12 -11.93 5.55
C ASP A 624 -33.03 -11.98 4.50
N VAL A 625 -32.13 -12.96 4.62
CA VAL A 625 -30.92 -12.96 3.77
C VAL A 625 -31.26 -13.19 2.30
N ASN A 626 -32.45 -13.70 2.02
CA ASN A 626 -32.84 -13.94 0.62
C ASN A 626 -33.69 -12.82 0.04
N SER A 627 -33.84 -11.72 0.78
CA SER A 627 -34.54 -10.54 0.32
C SER A 627 -33.53 -9.53 -0.23
N PRO A 628 -33.90 -8.76 -1.28
CA PRO A 628 -33.04 -7.64 -1.75
C PRO A 628 -32.78 -6.66 -0.62
N GLN A 629 -33.70 -6.56 0.34
CA GLN A 629 -33.57 -5.60 1.43
C GLN A 629 -32.46 -5.95 2.45
N TYR A 630 -31.97 -7.19 2.42
CA TYR A 630 -30.81 -7.57 3.27
C TYR A 630 -29.57 -6.77 2.85
N ARG A 631 -29.47 -6.46 1.56
CA ARG A 631 -28.33 -5.73 1.03
C ARG A 631 -28.63 -4.23 0.85
N GLU A 632 -29.55 -3.71 1.67
CA GLU A 632 -29.87 -2.28 1.69
C GLU A 632 -29.87 -1.76 3.11
N ARG A 633 -29.57 -0.47 3.26
CA ARG A 633 -29.64 0.17 4.57
C ARG A 633 -30.33 1.51 4.47
N THR A 634 -30.84 1.99 5.60
CA THR A 634 -31.16 3.40 5.73
C THR A 634 -30.08 3.99 6.60
N VAL A 635 -29.76 5.25 6.33
CA VAL A 635 -28.88 6.03 7.20
C VAL A 635 -29.59 7.30 7.55
N THR A 636 -29.69 7.59 8.85
CA THR A 636 -30.21 8.90 9.27
C THR A 636 -29.14 9.66 10.03
N LEU A 637 -29.19 10.98 9.89
CA LEU A 637 -28.36 11.90 10.60
C LEU A 637 -29.30 12.77 11.41
N ASN A 638 -29.23 12.61 12.72
CA ASN A 638 -30.17 13.29 13.64
C ASN A 638 -31.60 13.11 13.15
N GLY A 639 -31.93 11.90 12.73
CA GLY A 639 -33.29 11.55 12.36
C GLY A 639 -33.64 11.82 10.89
N ARG A 640 -32.78 12.57 10.18
CA ARG A 640 -33.02 12.90 8.77
C ARG A 640 -32.38 11.85 7.84
N VAL A 641 -33.16 11.32 6.89
CA VAL A 641 -32.70 10.23 6.02
C VAL A 641 -31.66 10.76 4.99
N ILE A 642 -30.44 10.20 5.01
CA ILE A 642 -29.38 10.57 4.07
C ILE A 642 -28.98 9.42 3.12
N GLN A 643 -29.41 8.20 3.45
CA GLN A 643 -29.29 7.10 2.52
C GLN A 643 -30.48 6.21 2.67
N ASP A 644 -30.96 5.71 1.56
CA ASP A 644 -31.97 4.67 1.58
C ASP A 644 -31.76 3.80 0.36
N GLY A 645 -31.20 2.60 0.58
CA GLY A 645 -31.05 1.64 -0.51
C GLY A 645 -29.95 2.10 -1.47
N SER A 646 -30.29 2.13 -2.77
CA SER A 646 -29.31 2.41 -3.84
C SER A 646 -28.84 3.87 -3.91
N ALA A 647 -29.50 4.77 -3.18
CA ALA A 647 -29.21 6.21 -3.25
C ALA A 647 -28.83 6.84 -1.92
N TYR A 648 -27.92 7.80 -1.97
CA TYR A 648 -27.66 8.66 -0.83
C TYR A 648 -27.57 10.11 -1.23
N LEU A 649 -27.95 10.97 -0.28
CA LEU A 649 -27.65 12.40 -0.36
C LEU A 649 -26.98 12.76 0.95
N THR A 650 -25.66 12.78 0.93
CA THR A 650 -24.90 12.86 2.17
C THR A 650 -24.18 14.17 2.35
N PRO A 651 -24.30 14.78 3.54
CA PRO A 651 -23.56 16.02 3.79
C PRO A 651 -22.07 15.69 3.86
N TRP A 652 -21.24 16.66 3.50
CA TRP A 652 -19.81 16.51 3.61
C TRP A 652 -19.30 17.84 4.08
N ASN A 653 -18.81 17.88 5.31
CA ASN A 653 -18.46 19.13 5.96
C ASN A 653 -16.98 19.33 6.23
N TRP A 654 -16.16 18.61 5.45
CA TRP A 654 -14.73 18.55 5.72
C TRP A 654 -14.01 18.79 4.40
N ASP A 655 -12.90 19.52 4.44
CA ASP A 655 -12.16 19.72 3.20
C ASP A 655 -11.31 18.47 2.95
N ALA A 656 -10.46 18.52 1.91
CA ALA A 656 -9.73 17.31 1.49
C ALA A 656 -8.78 16.82 2.56
N ASN A 657 -8.35 17.74 3.43
CA ASN A 657 -7.46 17.40 4.56
C ASN A 657 -8.23 17.13 5.87
N GLY A 658 -9.57 17.11 5.78
CA GLY A 658 -10.38 16.86 6.95
C GLY A 658 -10.77 18.05 7.81
N LYS A 659 -10.32 19.25 7.44
CA LYS A 659 -10.64 20.45 8.23
C LYS A 659 -12.09 20.86 8.02
N LYS A 660 -12.73 21.37 9.07
CA LYS A 660 -14.11 21.84 8.97
C LYS A 660 -14.27 22.88 7.87
N LEU A 661 -15.26 22.71 7.00
CA LEU A 661 -15.49 23.66 5.93
C LEU A 661 -16.21 24.89 6.47
N SER A 662 -15.98 26.04 5.84
CA SER A 662 -16.75 27.25 6.16
C SER A 662 -18.17 26.98 5.70
N THR A 663 -19.13 27.71 6.25
CA THR A 663 -20.55 27.49 5.95
C THR A 663 -20.83 27.53 4.45
N ASP A 664 -20.22 28.48 3.75
CA ASP A 664 -20.54 28.59 2.32
C ASP A 664 -19.89 27.51 1.45
N LYS A 665 -18.99 26.71 2.04
CA LYS A 665 -18.41 25.54 1.34
C LYS A 665 -19.02 24.19 1.73
N GLU A 666 -19.96 24.20 2.70
CA GLU A 666 -20.68 22.96 3.06
C GLU A 666 -21.45 22.46 1.85
N LYS A 667 -21.49 21.14 1.67
CA LYS A 667 -22.01 20.56 0.46
C LYS A 667 -22.71 19.23 0.77
N MET A 668 -23.34 18.65 -0.25
CA MET A 668 -23.88 17.32 -0.14
C MET A 668 -23.53 16.60 -1.42
N TYR A 669 -23.25 15.30 -1.28
CA TYR A 669 -23.01 14.46 -2.44
C TYR A 669 -24.23 13.61 -2.71
N TYR A 670 -24.63 13.55 -3.98
CA TYR A 670 -25.65 12.60 -4.41
C TYR A 670 -25.06 11.52 -5.30
N PHE A 671 -25.49 10.29 -5.06
CA PHE A 671 -25.08 9.16 -5.88
C PHE A 671 -26.14 8.07 -5.77
N ASN A 672 -26.53 7.53 -6.92
CA ASN A 672 -27.54 6.47 -6.99
C ASN A 672 -27.06 5.42 -7.95
N THR A 673 -27.02 4.17 -7.49
CA THR A 673 -26.53 3.10 -8.36
C THR A 673 -27.63 2.63 -9.32
N GLN A 674 -28.83 3.19 -9.16
CA GLN A 674 -29.98 2.86 -10.00
C GLN A 674 -30.53 4.11 -10.64
N ALA A 675 -31.31 3.94 -11.71
CA ALA A 675 -32.12 5.04 -12.26
C ALA A 675 -33.29 5.28 -11.32
N GLY A 676 -33.87 6.47 -11.35
CA GLY A 676 -35.14 6.73 -10.66
C GLY A 676 -35.09 7.97 -9.80
N ALA A 677 -36.23 8.64 -9.67
CA ALA A 677 -36.31 9.82 -8.83
C ALA A 677 -36.23 9.47 -7.35
N THR A 678 -35.57 10.30 -6.57
CA THR A 678 -35.50 10.14 -5.13
C THR A 678 -35.80 11.50 -4.50
N THR A 679 -36.44 11.51 -3.34
CA THR A 679 -36.80 12.75 -2.67
C THR A 679 -36.19 12.78 -1.27
N TRP A 680 -35.71 13.96 -0.89
CA TRP A 680 -34.89 14.13 0.31
C TRP A 680 -35.37 15.32 1.09
N THR A 681 -35.44 15.16 2.41
CA THR A 681 -35.70 16.29 3.27
C THR A 681 -34.43 17.03 3.57
N LEU A 682 -34.43 18.34 3.32
CA LEU A 682 -33.25 19.13 3.60
C LEU A 682 -33.15 19.44 5.09
N PRO A 683 -31.93 19.60 5.61
CA PRO A 683 -31.78 20.04 6.98
C PRO A 683 -32.20 21.49 7.12
N SER A 684 -32.49 21.91 8.34
CA SER A 684 -33.10 23.23 8.55
C SER A 684 -32.26 24.37 7.99
N ASP A 685 -30.92 24.20 7.98
CA ASP A 685 -30.06 25.25 7.43
C ASP A 685 -29.88 25.21 5.90
N TRP A 686 -30.63 24.34 5.24
CA TRP A 686 -30.70 24.32 3.76
C TRP A 686 -32.12 24.57 3.26
N ALA A 687 -33.10 24.27 4.11
CA ALA A 687 -34.50 24.22 3.70
C ALA A 687 -35.05 25.54 3.10
N LYS A 688 -34.50 26.68 3.54
CA LYS A 688 -34.93 28.00 3.06
C LYS A 688 -33.88 28.69 2.18
N SER A 689 -32.92 27.90 1.72
CA SER A 689 -31.83 28.42 0.92
C SER A 689 -32.08 28.10 -0.56
N LYS A 690 -31.45 28.84 -1.45
CA LYS A 690 -31.35 28.37 -2.83
C LYS A 690 -30.43 27.15 -2.87
N VAL A 691 -30.63 26.26 -3.83
CA VAL A 691 -29.82 25.03 -3.90
C VAL A 691 -29.40 24.80 -5.35
N TYR A 692 -28.10 24.57 -5.54
CA TYR A 692 -27.54 24.33 -6.87
C TYR A 692 -26.90 22.96 -6.96
N LEU A 693 -27.17 22.30 -8.07
CA LEU A 693 -26.69 20.96 -8.40
C LEU A 693 -25.59 21.00 -9.48
N TYR A 694 -24.53 20.22 -9.28
CA TYR A 694 -23.48 20.05 -10.31
C TYR A 694 -23.21 18.59 -10.58
N LYS A 695 -23.04 18.25 -11.84
CA LYS A 695 -22.57 16.94 -12.24
C LYS A 695 -21.03 16.94 -12.17
N LEU A 696 -20.46 15.96 -11.46
CA LEU A 696 -19.01 15.94 -11.27
C LEU A 696 -18.37 15.09 -12.34
N THR A 697 -17.41 15.67 -13.07
CA THR A 697 -16.66 14.94 -14.10
C THR A 697 -15.19 15.21 -13.85
N ASP A 698 -14.33 14.67 -14.74
CA ASP A 698 -12.90 14.95 -14.65
C ASP A 698 -12.60 16.44 -14.92
N GLN A 699 -13.60 17.19 -15.38
CA GLN A 699 -13.48 18.65 -15.48
C GLN A 699 -14.03 19.40 -14.27
N GLY A 700 -14.44 18.67 -13.23
CA GLY A 700 -14.95 19.31 -12.01
C GLY A 700 -16.48 19.46 -12.03
N LYS A 701 -16.96 20.56 -11.45
CA LYS A 701 -18.40 20.85 -11.38
C LYS A 701 -18.91 21.34 -12.73
N THR A 702 -19.89 20.61 -13.28
CA THR A 702 -20.46 20.93 -14.60
C THR A 702 -22.00 20.94 -14.53
N GLU A 703 -22.62 21.47 -15.59
CA GLU A 703 -24.08 21.42 -15.77
C GLU A 703 -24.84 22.00 -14.58
N GLU A 704 -24.39 23.17 -14.13
CA GLU A 704 -25.02 23.91 -13.03
C GLU A 704 -26.53 23.97 -13.22
N GLN A 705 -27.27 23.60 -12.18
CA GLN A 705 -28.72 23.68 -12.23
C GLN A 705 -29.28 24.05 -10.88
N GLU A 706 -30.11 25.11 -10.83
CA GLU A 706 -30.75 25.50 -9.58
C GLU A 706 -31.92 24.57 -9.35
N LEU A 707 -32.06 24.05 -8.12
CA LEU A 707 -33.14 23.12 -7.85
C LEU A 707 -34.34 23.85 -7.27
N THR A 708 -35.50 23.26 -7.47
CA THR A 708 -36.74 23.74 -6.85
C THR A 708 -36.94 23.07 -5.51
N VAL A 709 -36.93 23.85 -4.42
CA VAL A 709 -37.21 23.32 -3.08
C VAL A 709 -38.71 23.44 -2.82
N LYS A 710 -39.34 22.32 -2.47
CA LYS A 710 -40.78 22.31 -2.16
C LYS A 710 -41.04 21.65 -0.82
N ASP A 711 -41.63 22.41 0.11
CA ASP A 711 -41.93 21.89 1.46
C ASP A 711 -40.64 21.42 2.14
N GLY A 712 -39.55 22.17 1.93
CA GLY A 712 -38.24 21.86 2.49
C GLY A 712 -37.62 20.58 1.94
N LYS A 713 -38.17 20.07 0.83
CA LYS A 713 -37.65 18.87 0.15
C LYS A 713 -37.12 19.14 -1.24
N ILE A 714 -36.27 18.24 -1.76
CA ILE A 714 -35.86 18.24 -3.17
C ILE A 714 -36.01 16.86 -3.76
N THR A 715 -36.22 16.83 -5.07
CA THR A 715 -36.36 15.61 -5.80
C THR A 715 -35.29 15.53 -6.88
N LEU A 716 -34.58 14.41 -6.92
CA LEU A 716 -33.46 14.26 -7.83
C LEU A 716 -33.70 13.07 -8.71
N ASP A 717 -33.63 13.30 -10.01
CA ASP A 717 -33.86 12.26 -10.99
C ASP A 717 -32.75 12.34 -12.03
N LEU A 718 -31.67 11.62 -11.76
CA LEU A 718 -30.38 11.89 -12.39
C LEU A 718 -29.76 10.59 -12.91
N LEU A 719 -28.58 10.66 -13.52
CA LEU A 719 -27.97 9.47 -14.08
C LEU A 719 -27.47 8.55 -12.96
N ALA A 720 -27.66 7.25 -13.17
CA ALA A 720 -27.18 6.19 -12.27
C ALA A 720 -25.66 6.16 -12.31
N ASN A 721 -25.04 5.81 -11.19
CA ASN A 721 -23.58 5.66 -11.14
C ASN A 721 -22.81 6.92 -11.56
N GLN A 722 -23.39 8.07 -11.23
CA GLN A 722 -22.78 9.34 -11.56
C GLN A 722 -22.78 10.25 -10.34
N PRO A 723 -21.60 10.71 -9.91
CA PRO A 723 -21.57 11.63 -8.78
C PRO A 723 -22.09 13.02 -9.11
N TYR A 724 -22.81 13.60 -8.15
CA TYR A 724 -23.21 15.00 -8.19
C TYR A 724 -22.89 15.61 -6.85
N VAL A 725 -22.72 16.94 -6.83
CA VAL A 725 -22.55 17.69 -5.61
C VAL A 725 -23.53 18.88 -5.61
N LEU A 726 -24.00 19.22 -4.41
CA LEU A 726 -24.98 20.30 -4.19
C LEU A 726 -24.41 21.30 -3.24
N TYR A 727 -24.69 22.57 -3.51
CA TYR A 727 -24.26 23.67 -2.66
C TYR A 727 -25.45 24.66 -2.57
N ARG A 728 -25.38 25.56 -1.60
CA ARG A 728 -26.37 26.61 -1.39
C ARG A 728 -26.06 27.92 -2.15
N SER A 729 -24.91 27.97 -2.84
CA SER A 729 -24.53 29.13 -3.66
C SER A 729 -23.73 28.64 -4.86
N LYS A 730 -23.67 29.48 -5.90
CA LYS A 730 -23.01 29.09 -7.14
C LYS A 730 -21.51 28.86 -6.91
N GLN A 731 -20.98 27.80 -7.51
CA GLN A 731 -19.57 27.45 -7.34
C GLN A 731 -18.88 27.44 -8.71
N THR A 732 -17.57 27.63 -8.70
CA THR A 732 -16.78 27.55 -9.94
C THR A 732 -15.63 26.53 -9.74
N ASN A 733 -14.90 26.20 -10.81
CA ASN A 733 -13.76 25.30 -10.73
C ASN A 733 -12.44 26.07 -10.74
N PRO A 734 -11.50 25.78 -9.82
CA PRO A 734 -10.27 26.54 -9.81
C PRO A 734 -9.27 26.19 -10.95
N GLU A 735 -8.27 27.04 -11.13
CA GLU A 735 -7.16 26.78 -12.02
C GLU A 735 -6.36 25.66 -11.37
N MET A 736 -5.97 24.65 -12.16
CA MET A 736 -5.26 23.46 -11.63
C MET A 736 -3.72 23.47 -11.81
N SER A 737 -3.19 24.43 -12.56
CA SER A 737 -1.75 24.50 -12.86
C SER A 737 -1.26 23.14 -13.35
N TRP A 738 -1.96 22.62 -14.34
CA TRP A 738 -1.67 21.30 -14.85
C TRP A 738 -0.19 21.14 -15.20
N SER A 739 0.41 20.06 -14.70
CA SER A 739 1.79 19.65 -15.00
C SER A 739 2.84 20.59 -14.45
N GLU A 740 2.50 21.32 -13.40
CA GLU A 740 3.48 22.22 -12.80
C GLU A 740 4.76 21.46 -12.47
N GLY A 741 5.88 22.12 -12.74
CA GLY A 741 7.19 21.49 -12.51
C GLY A 741 7.67 20.67 -13.70
N MET A 742 6.81 20.42 -14.69
CA MET A 742 7.22 19.58 -15.83
C MET A 742 7.58 20.38 -17.07
N HIS A 743 7.65 21.70 -16.92
CA HIS A 743 8.16 22.57 -18.01
C HIS A 743 7.17 22.80 -19.15
N ILE A 744 5.95 22.28 -19.03
CA ILE A 744 4.94 22.42 -20.09
C ILE A 744 3.57 22.45 -19.41
N TYR A 745 2.57 23.04 -20.04
CA TYR A 745 1.25 23.08 -19.41
C TYR A 745 0.42 21.91 -19.91
N ASP A 746 -0.09 21.11 -18.98
CA ASP A 746 -1.06 20.02 -19.30
C ASP A 746 -0.50 18.94 -20.25
N GLN A 747 0.53 18.24 -19.78
CA GLN A 747 1.24 17.21 -20.54
C GLN A 747 0.38 16.00 -20.90
N GLY A 748 -0.72 15.80 -20.17
CA GLY A 748 -1.57 14.63 -20.37
C GLY A 748 -2.94 14.93 -20.96
N PHE A 749 -3.15 16.18 -21.37
CA PHE A 749 -4.39 16.61 -22.08
C PHE A 749 -5.65 16.47 -21.23
N ASN A 750 -5.51 16.88 -19.95
CA ASN A 750 -6.54 16.76 -18.92
C ASN A 750 -7.38 18.01 -18.70
N SER A 751 -7.02 19.12 -19.34
CA SER A 751 -7.60 20.41 -18.99
C SER A 751 -8.79 20.78 -19.87
N GLY A 752 -9.17 19.91 -20.79
CA GLY A 752 -10.35 20.15 -21.61
C GLY A 752 -10.19 21.24 -22.66
N THR A 753 -8.97 21.68 -22.92
CA THR A 753 -8.75 22.73 -23.90
C THR A 753 -7.37 22.61 -24.51
N LEU A 754 -7.21 23.15 -25.72
CA LEU A 754 -5.88 23.24 -26.36
C LEU A 754 -5.44 24.69 -26.47
N LYS A 755 -6.15 25.59 -25.81
CA LYS A 755 -5.92 27.01 -26.07
C LYS A 755 -4.55 27.50 -25.62
N HIS A 756 -3.91 26.78 -24.70
CA HIS A 756 -2.55 27.15 -24.27
C HIS A 756 -1.47 26.72 -25.30
N TRP A 757 -1.86 25.96 -26.34
CA TRP A 757 -0.93 25.66 -27.43
C TRP A 757 -1.07 26.69 -28.54
N THR A 758 0.03 27.08 -29.19
CA THR A 758 -0.06 27.91 -30.39
C THR A 758 -0.18 26.95 -31.53
N ILE A 759 -1.28 27.04 -32.27
CA ILE A 759 -1.54 26.07 -33.33
C ILE A 759 -1.27 26.70 -34.70
N SER A 760 -0.43 26.06 -35.50
CA SER A 760 -0.12 26.49 -36.88
C SER A 760 -0.80 25.52 -37.81
N GLY A 761 -1.55 26.05 -38.79
CA GLY A 761 -2.34 25.21 -39.65
C GLY A 761 -3.80 25.23 -39.24
N ASP A 762 -4.56 24.26 -39.73
CA ASP A 762 -5.98 24.25 -39.54
C ASP A 762 -6.29 23.62 -38.18
N ALA A 763 -6.63 24.47 -37.20
CA ALA A 763 -6.86 24.06 -35.81
C ALA A 763 -8.01 23.06 -35.66
N SER A 764 -8.91 23.02 -36.65
CA SER A 764 -10.04 22.10 -36.57
C SER A 764 -9.57 20.64 -36.72
N LYS A 765 -8.32 20.46 -37.15
CA LYS A 765 -7.81 19.11 -37.37
C LYS A 765 -7.14 18.53 -36.12
N ALA A 766 -7.08 19.33 -35.05
CA ALA A 766 -6.48 18.87 -33.80
C ALA A 766 -7.56 18.89 -32.73
N GLU A 767 -7.79 17.76 -32.07
CA GLU A 767 -8.79 17.73 -31.00
C GLU A 767 -8.31 16.85 -29.87
N ILE A 768 -8.87 17.07 -28.67
CA ILE A 768 -8.66 16.11 -27.58
C ILE A 768 -9.73 15.01 -27.67
N VAL A 769 -9.32 13.76 -27.70
CA VAL A 769 -10.27 12.65 -27.78
C VAL A 769 -9.97 11.65 -26.66
N LYS A 770 -10.94 10.82 -26.34
CA LYS A 770 -10.71 9.79 -25.31
C LYS A 770 -10.30 8.46 -25.90
N SER A 771 -9.31 7.81 -25.28
CA SER A 771 -8.96 6.44 -25.68
C SER A 771 -10.09 5.49 -25.28
N GLN A 772 -9.90 4.20 -25.58
CA GLN A 772 -10.89 3.20 -25.18
C GLN A 772 -10.93 3.05 -23.64
N GLY A 773 -9.89 3.57 -22.98
CA GLY A 773 -9.85 3.61 -21.52
C GLY A 773 -10.22 4.94 -20.94
N ALA A 774 -10.79 5.82 -21.77
CA ALA A 774 -11.15 7.17 -21.33
C ALA A 774 -9.93 8.06 -21.01
N ASN A 775 -8.79 7.76 -21.61
CA ASN A 775 -7.60 8.56 -21.36
C ASN A 775 -7.56 9.61 -22.48
N ASP A 776 -7.52 10.90 -22.11
CA ASP A 776 -7.59 11.98 -23.08
C ASP A 776 -6.26 12.11 -23.80
N MET A 777 -6.29 12.29 -25.11
CA MET A 777 -5.10 12.30 -25.96
C MET A 777 -5.32 13.38 -26.98
N LEU A 778 -4.21 13.90 -27.52
CA LEU A 778 -4.29 14.80 -28.67
C LEU A 778 -4.41 13.97 -29.96
N ARG A 779 -5.44 14.26 -30.78
CA ARG A 779 -5.55 13.59 -32.06
C ARG A 779 -5.42 14.60 -33.21
N ILE A 780 -4.59 14.29 -34.20
CA ILE A 780 -4.54 15.07 -35.45
C ILE A 780 -4.90 14.11 -36.58
N GLN A 781 -5.94 14.45 -37.36
CA GLN A 781 -6.32 13.61 -38.50
C GLN A 781 -6.97 14.44 -39.60
N GLY A 782 -7.00 13.88 -40.80
CA GLY A 782 -7.81 14.44 -41.91
C GLY A 782 -7.28 15.77 -42.41
N ASN A 783 -5.99 16.02 -42.20
CA ASN A 783 -5.37 17.31 -42.56
C ASN A 783 -4.67 17.23 -43.90
N LYS A 784 -4.96 18.20 -44.77
CA LYS A 784 -4.32 18.25 -46.10
C LYS A 784 -3.04 19.07 -46.09
N GLU A 785 -2.83 19.85 -45.04
CA GLU A 785 -1.56 20.59 -44.82
C GLU A 785 -1.04 20.31 -43.42
N LYS A 786 0.24 20.60 -43.20
CA LYS A 786 0.84 20.37 -41.90
C LYS A 786 0.05 21.09 -40.79
N VAL A 787 -0.07 20.42 -39.64
CA VAL A 787 -0.70 21.02 -38.45
C VAL A 787 0.34 20.89 -37.33
N SER A 788 0.59 21.96 -36.59
CA SER A 788 1.60 21.94 -35.50
C SER A 788 1.00 22.57 -34.26
N LEU A 789 1.45 22.12 -33.10
CA LEU A 789 1.04 22.70 -31.85
C LEU A 789 2.31 22.96 -31.08
N THR A 790 2.47 24.21 -30.62
CA THR A 790 3.69 24.62 -29.95
C THR A 790 3.44 25.22 -28.55
N GLN A 791 4.31 24.89 -27.60
CA GLN A 791 4.33 25.63 -26.33
C GLN A 791 5.78 25.96 -26.00
N LYS A 792 6.00 27.00 -25.21
CA LYS A 792 7.33 27.17 -24.60
C LYS A 792 7.55 26.11 -23.54
N LEU A 793 8.79 25.61 -23.45
CA LEU A 793 9.20 24.84 -22.32
C LEU A 793 9.73 25.84 -21.32
N THR A 794 9.11 25.86 -20.13
CA THR A 794 9.33 26.89 -19.13
C THR A 794 10.12 26.32 -17.95
N GLY A 795 10.77 27.19 -17.20
CA GLY A 795 11.47 26.78 -15.98
C GLY A 795 12.66 25.88 -16.19
N LEU A 796 13.27 25.92 -17.39
CA LEU A 796 14.47 25.10 -17.62
C LEU A 796 15.71 25.75 -17.03
N LYS A 797 16.74 24.94 -16.81
CA LYS A 797 18.05 25.45 -16.38
C LYS A 797 18.90 25.75 -17.61
N PRO A 798 19.60 26.89 -17.61
CA PRO A 798 20.58 27.19 -18.65
C PRO A 798 21.70 26.15 -18.68
N ASN A 799 22.30 26.00 -19.87
CA ASN A 799 23.48 25.14 -20.06
C ASN A 799 23.29 23.75 -19.50
N THR A 800 22.14 23.15 -19.83
CA THR A 800 21.78 21.86 -19.19
C THR A 800 21.29 20.88 -20.25
N LYS A 801 21.70 19.61 -20.11
CA LYS A 801 21.32 18.56 -21.05
C LYS A 801 19.97 17.95 -20.65
N TYR A 802 19.07 17.88 -21.63
CA TYR A 802 17.71 17.38 -21.41
C TYR A 802 17.29 16.30 -22.37
N ALA A 803 16.29 15.53 -21.94
CA ALA A 803 15.54 14.67 -22.86
C ALA A 803 14.11 15.18 -22.86
N VAL A 804 13.41 15.03 -23.98
CA VAL A 804 11.96 15.17 -23.98
C VAL A 804 11.36 14.02 -24.79
N TYR A 805 10.29 13.44 -24.29
CA TYR A 805 9.53 12.52 -25.14
C TYR A 805 8.09 12.93 -25.18
N VAL A 806 7.40 12.44 -26.21
CA VAL A 806 5.95 12.39 -26.25
C VAL A 806 5.56 10.93 -26.57
N GLY A 807 4.53 10.44 -25.90
CA GLY A 807 3.97 9.15 -26.33
C GLY A 807 3.25 9.37 -27.66
N VAL A 808 3.54 8.51 -28.63
CA VAL A 808 2.88 8.67 -29.93
C VAL A 808 2.42 7.31 -30.46
N ASP A 809 1.22 7.30 -30.99
CA ASP A 809 0.65 6.14 -31.66
C ASP A 809 0.17 6.68 -33.03
N ASN A 810 0.91 6.38 -34.10
CA ASN A 810 0.59 6.97 -35.38
C ASN A 810 -0.06 5.93 -36.30
N ARG A 811 -1.33 6.12 -36.63
CA ARG A 811 -2.04 5.21 -37.56
C ARG A 811 -1.93 5.68 -39.03
N SER A 812 -1.31 6.84 -39.24
CA SER A 812 -1.04 7.41 -40.55
C SER A 812 0.37 7.09 -41.02
N ASN A 813 0.55 7.01 -42.35
CA ASN A 813 1.89 6.99 -42.92
C ASN A 813 2.54 8.36 -42.85
N ALA A 814 1.75 9.40 -42.60
CA ALA A 814 2.30 10.78 -42.50
C ALA A 814 3.30 10.97 -41.37
N LYS A 815 4.31 11.84 -41.59
CA LYS A 815 5.30 12.15 -40.56
CA LYS A 815 5.31 12.15 -40.55
C LYS A 815 4.65 12.83 -39.36
N ALA A 816 4.86 12.26 -38.16
CA ALA A 816 4.38 12.86 -36.91
C ALA A 816 5.65 13.15 -36.14
N SER A 817 5.84 14.40 -35.71
CA SER A 817 7.13 14.83 -35.21
C SER A 817 7.07 15.48 -33.83
N ILE A 818 8.20 15.43 -33.14
CA ILE A 818 8.48 16.25 -31.94
C ILE A 818 9.73 17.06 -32.24
N THR A 819 9.64 18.37 -32.04
CA THR A 819 10.72 19.27 -32.41
C THR A 819 10.97 20.21 -31.24
N VAL A 820 12.24 20.38 -30.86
CA VAL A 820 12.62 21.33 -29.83
C VAL A 820 13.51 22.39 -30.45
N ASN A 821 13.20 23.65 -30.18
CA ASN A 821 14.06 24.76 -30.63
C ASN A 821 14.54 25.48 -29.39
N THR A 822 15.83 25.48 -29.15
CA THR A 822 16.34 26.00 -27.88
C THR A 822 16.56 27.52 -27.94
N GLY A 823 16.30 28.11 -29.11
CA GLY A 823 16.68 29.51 -29.35
C GLY A 823 17.95 29.56 -30.19
N GLU A 824 18.77 28.52 -30.08
CA GLU A 824 20.10 28.49 -30.71
CA GLU A 824 20.08 28.52 -30.75
C GLU A 824 20.28 27.28 -31.63
N LYS A 825 19.40 26.30 -31.51
CA LYS A 825 19.54 25.05 -32.24
C LYS A 825 18.17 24.43 -32.26
N GLU A 826 17.91 23.65 -33.30
CA GLU A 826 16.64 22.93 -33.42
C GLU A 826 16.92 21.46 -33.67
N VAL A 827 16.20 20.60 -32.95
CA VAL A 827 16.33 19.14 -33.17
C VAL A 827 14.94 18.58 -33.36
N THR A 828 14.87 17.51 -34.13
CA THR A 828 13.56 16.94 -34.45
C THR A 828 13.66 15.42 -34.59
N THR A 829 12.58 14.75 -34.23
CA THR A 829 12.47 13.30 -34.33
C THR A 829 11.09 13.04 -34.88
N TYR A 830 10.94 11.99 -35.69
CA TYR A 830 9.61 11.70 -36.23
C TYR A 830 9.32 10.20 -36.33
N THR A 831 8.05 9.88 -36.49
CA THR A 831 7.64 8.53 -36.86
C THR A 831 6.65 8.60 -38.02
N ASN A 832 6.77 7.63 -38.93
CA ASN A 832 5.69 7.35 -39.87
C ASN A 832 4.76 6.39 -39.14
N LYS A 833 4.11 5.46 -39.86
CA LYS A 833 3.10 4.63 -39.20
C LYS A 833 3.77 3.81 -38.08
N SER A 834 3.15 3.81 -36.89
CA SER A 834 3.72 3.03 -35.78
C SER A 834 3.68 1.53 -36.09
N LEU A 835 4.70 0.79 -35.68
CA LEU A 835 4.77 -0.61 -36.02
C LEU A 835 4.97 -1.56 -34.84
N ALA A 836 5.07 -1.02 -33.61
CA ALA A 836 5.26 -1.86 -32.42
C ALA A 836 4.17 -1.63 -31.39
N LEU A 837 3.40 -2.68 -31.10
CA LEU A 837 2.36 -2.60 -30.07
C LEU A 837 3.00 -2.39 -28.71
N ASN A 838 2.27 -1.77 -27.79
CA ASN A 838 2.84 -1.52 -26.47
C ASN A 838 2.49 -2.62 -25.46
N TYR A 839 3.52 -3.24 -24.91
CA TYR A 839 3.37 -4.40 -24.02
C TYR A 839 3.73 -4.14 -22.55
N VAL A 840 3.78 -2.87 -22.15
CA VAL A 840 4.14 -2.51 -20.78
C VAL A 840 2.90 -2.45 -19.89
N LYS A 841 2.76 -3.47 -19.04
CA LYS A 841 1.54 -3.62 -18.24
C LYS A 841 1.23 -2.45 -17.29
N ALA A 842 2.25 -1.86 -16.65
CA ALA A 842 2.00 -0.74 -15.73
C ALA A 842 1.86 0.61 -16.45
N TYR A 843 1.97 0.59 -17.78
CA TYR A 843 1.88 1.81 -18.59
C TYR A 843 0.45 2.00 -19.09
N ALA A 844 -0.07 3.22 -18.99
CA ALA A 844 -1.51 3.44 -19.21
C ALA A 844 -1.94 3.20 -20.65
N HIS A 845 -1.00 3.31 -21.59
CA HIS A 845 -1.37 3.10 -23.00
C HIS A 845 -0.79 1.79 -23.57
N ASN A 846 -0.77 0.71 -22.77
CA ASN A 846 -0.48 -0.60 -23.36
C ASN A 846 -1.60 -1.06 -24.28
N THR A 847 -1.38 -2.15 -24.98
CA THR A 847 -2.33 -2.61 -26.00
C THR A 847 -3.51 -3.48 -25.52
N ARG A 848 -3.72 -3.59 -24.21
CA ARG A 848 -4.94 -4.26 -23.70
C ARG A 848 -6.14 -3.50 -24.19
N ARG A 849 -7.13 -4.25 -24.67
CA ARG A 849 -8.30 -3.68 -25.33
C ARG A 849 -8.93 -2.55 -24.51
N ASN A 850 -9.06 -2.74 -23.20
CA ASN A 850 -9.81 -1.72 -22.46
C ASN A 850 -9.07 -0.41 -22.18
N ASN A 851 -7.79 -0.35 -22.58
CA ASN A 851 -7.10 0.96 -22.59
C ASN A 851 -6.38 1.16 -23.92
N ALA A 852 -6.89 0.51 -24.96
CA ALA A 852 -6.41 0.71 -26.33
C ALA A 852 -6.65 2.13 -26.81
N THR A 853 -5.85 2.53 -27.80
CA THR A 853 -5.96 3.85 -28.36
C THR A 853 -7.23 3.95 -29.19
N VAL A 854 -7.36 3.02 -30.12
CA VAL A 854 -8.49 2.96 -31.08
C VAL A 854 -8.40 1.61 -31.78
N ASP A 855 -9.53 1.07 -32.24
CA ASP A 855 -9.54 -0.22 -32.94
C ASP A 855 -8.92 -1.34 -32.08
N ASP A 856 -9.12 -1.24 -30.77
CA ASP A 856 -8.71 -2.27 -29.81
C ASP A 856 -7.20 -2.48 -29.65
N THR A 857 -6.39 -1.61 -30.25
CA THR A 857 -4.92 -1.75 -30.10
C THR A 857 -4.26 -0.45 -29.61
N SER A 858 -3.01 -0.57 -29.13
CA SER A 858 -2.19 0.62 -28.89
C SER A 858 -0.78 0.36 -29.37
N TYR A 859 -0.28 1.32 -30.18
CA TYR A 859 1.12 1.34 -30.61
C TYR A 859 1.88 2.45 -29.92
N PHE A 860 1.35 2.98 -28.83
CA PHE A 860 2.06 4.08 -28.12
C PHE A 860 3.48 3.69 -27.77
N GLN A 861 4.44 4.56 -28.09
CA GLN A 861 5.81 4.36 -27.73
C GLN A 861 6.37 5.76 -27.57
N ASN A 862 7.33 5.90 -26.67
CA ASN A 862 7.86 7.24 -26.38
C ASN A 862 8.80 7.69 -27.50
N MET A 863 8.52 8.90 -28.01
CA MET A 863 9.30 9.45 -29.11
C MET A 863 10.11 10.62 -28.56
N TYR A 864 11.43 10.48 -28.64
CA TYR A 864 12.40 11.38 -27.99
C TYR A 864 13.10 12.39 -28.89
N ALA A 865 13.39 13.54 -28.30
CA ALA A 865 14.45 14.43 -28.80
C ALA A 865 15.36 14.75 -27.62
N PHE A 866 16.65 14.88 -27.91
CA PHE A 866 17.66 15.20 -26.90
C PHE A 866 18.27 16.52 -27.26
N PHE A 867 18.33 17.42 -26.27
CA PHE A 867 18.79 18.79 -26.53
C PHE A 867 19.54 19.35 -25.34
N THR A 868 20.19 20.50 -25.54
CA THR A 868 20.95 21.17 -24.48
C THR A 868 20.55 22.63 -24.49
N THR A 869 20.15 23.18 -23.34
CA THR A 869 19.82 24.60 -23.31
C THR A 869 21.12 25.39 -23.41
N GLY A 870 21.00 26.61 -23.95
CA GLY A 870 22.12 27.54 -23.96
C GLY A 870 22.04 28.43 -22.74
N ALA A 871 22.52 29.67 -22.89
CA ALA A 871 22.62 30.61 -21.77
C ALA A 871 21.28 31.25 -21.44
N ASP A 872 20.37 31.29 -22.43
CA ASP A 872 19.07 31.95 -22.29
C ASP A 872 17.96 30.91 -22.53
N VAL A 873 17.07 30.75 -21.53
CA VAL A 873 16.03 29.74 -21.63
C VAL A 873 14.64 30.34 -21.72
N SER A 874 14.57 31.62 -22.13
CA SER A 874 13.28 32.34 -22.25
C SER A 874 12.49 32.00 -23.52
N ASN A 875 13.14 31.34 -24.48
CA ASN A 875 12.47 31.02 -25.74
C ASN A 875 12.83 29.63 -26.26
N VAL A 876 12.60 28.62 -25.42
CA VAL A 876 12.79 27.23 -25.82
C VAL A 876 11.40 26.75 -26.12
N THR A 877 11.20 26.17 -27.31
CA THR A 877 9.88 25.72 -27.70
C THR A 877 9.83 24.23 -27.96
N LEU A 878 8.65 23.66 -27.73
CA LEU A 878 8.35 22.28 -28.04
C LEU A 878 7.20 22.25 -29.03
N THR A 879 7.37 21.59 -30.17
CA THR A 879 6.31 21.52 -31.17
C THR A 879 5.98 20.07 -31.52
N LEU A 880 4.70 19.74 -31.46
CA LEU A 880 4.17 18.49 -32.02
C LEU A 880 3.56 18.79 -33.39
N SER A 881 3.94 18.01 -34.40
CA SER A 881 3.45 18.28 -35.75
CA SER A 881 3.50 18.28 -35.79
C SER A 881 3.01 17.02 -36.47
N ARG A 882 2.13 17.21 -37.45
CA ARG A 882 1.72 16.11 -38.28
C ARG A 882 1.60 16.64 -39.71
N GLU A 883 2.33 16.01 -40.62
CA GLU A 883 2.22 16.35 -42.05
CA GLU A 883 2.22 16.30 -42.06
C GLU A 883 0.86 15.85 -42.56
N ALA A 884 0.54 16.14 -43.82
CA ALA A 884 -0.77 15.79 -44.40
C ALA A 884 -1.04 14.28 -44.36
N GLY A 885 -2.26 13.92 -43.93
CA GLY A 885 -2.70 12.51 -43.98
C GLY A 885 -4.16 12.37 -43.61
N ASP A 886 -4.79 11.31 -44.07
CA ASP A 886 -6.19 11.06 -43.76
C ASP A 886 -6.29 10.46 -42.36
N GLU A 887 -5.43 9.49 -42.07
CA GLU A 887 -5.56 8.76 -40.78
C GLU A 887 -5.03 9.58 -39.60
N ALA A 888 -5.25 9.07 -38.39
CA ALA A 888 -5.00 9.84 -37.16
C ALA A 888 -3.62 9.55 -36.55
N THR A 889 -3.04 10.57 -35.95
CA THR A 889 -1.91 10.33 -35.02
C THR A 889 -2.44 10.71 -33.65
N TYR A 890 -2.09 9.91 -32.64
CA TYR A 890 -2.46 10.20 -31.28
C TYR A 890 -1.20 10.53 -30.50
N PHE A 891 -1.26 11.62 -29.73
CA PHE A 891 -0.13 12.01 -28.86
C PHE A 891 -0.62 12.11 -27.43
N ASP A 892 0.24 11.74 -26.47
CA ASP A 892 -0.13 11.92 -25.06
C ASP A 892 1.15 11.86 -24.24
N GLU A 893 1.20 12.66 -23.17
CA GLU A 893 2.30 12.64 -22.20
CA GLU A 893 2.30 12.64 -22.20
C GLU A 893 3.60 13.24 -22.76
N ILE A 894 3.81 14.53 -22.52
CA ILE A 894 5.02 15.19 -22.94
C ILE A 894 5.90 15.38 -21.70
N ARG A 895 7.01 14.64 -21.63
CA ARG A 895 7.87 14.67 -20.46
C ARG A 895 9.25 15.22 -20.79
N THR A 896 9.60 16.33 -20.13
CA THR A 896 10.89 17.01 -20.34
C THR A 896 11.68 16.90 -19.06
N PHE A 897 12.89 16.35 -19.13
CA PHE A 897 13.63 16.01 -17.91
C PHE A 897 15.13 15.95 -18.15
N GLU A 898 15.91 16.23 -17.11
CA GLU A 898 17.36 16.22 -17.27
C GLU A 898 17.84 14.86 -17.69
N ASN A 899 18.80 14.82 -18.61
CA ASN A 899 19.34 13.54 -19.08
C ASN A 899 20.74 13.78 -19.62
N ASN A 900 21.67 12.89 -19.27
CA ASN A 900 23.08 13.08 -19.67
CA ASN A 900 23.08 13.06 -19.60
C ASN A 900 23.57 12.02 -20.63
N SER A 901 22.69 11.48 -21.47
CA SER A 901 23.16 10.50 -22.47
C SER A 901 24.06 11.14 -23.54
N SER A 902 24.91 10.33 -24.19
CA SER A 902 25.80 10.83 -25.25
CA SER A 902 25.81 10.82 -25.25
C SER A 902 25.77 9.85 -26.42
N MET A 903 24.58 9.71 -27.00
CA MET A 903 24.33 8.64 -27.96
C MET A 903 24.68 8.97 -29.41
N TYR A 904 24.88 10.25 -29.74
CA TYR A 904 25.03 10.68 -31.15
C TYR A 904 26.43 11.21 -31.43
N GLY A 905 27.27 10.32 -31.94
CA GLY A 905 28.65 10.68 -32.24
C GLY A 905 29.33 11.20 -30.98
N ASP A 906 29.09 10.49 -29.87
CA ASP A 906 29.60 10.85 -28.54
C ASP A 906 29.09 12.19 -28.02
N LYS A 907 28.00 12.71 -28.59
CA LYS A 907 27.43 13.95 -28.08
C LYS A 907 26.02 13.70 -27.60
N HIS A 908 25.52 14.60 -26.76
CA HIS A 908 24.15 14.47 -26.21
C HIS A 908 23.03 14.67 -27.23
N ASP A 909 23.10 15.73 -28.03
CA ASP A 909 21.93 16.17 -28.81
C ASP A 909 21.59 15.20 -29.93
N THR A 910 20.29 15.07 -30.21
CA THR A 910 19.78 14.40 -31.40
C THR A 910 20.57 14.94 -32.58
N GLY A 911 21.23 14.05 -33.31
CA GLY A 911 22.06 14.49 -34.46
C GLY A 911 22.69 13.32 -35.19
N LYS A 912 23.55 13.65 -36.16
CA LYS A 912 24.11 12.61 -37.00
C LYS A 912 25.32 11.99 -36.28
N GLY A 913 25.90 10.96 -36.85
CA GLY A 913 27.10 10.46 -36.19
C GLY A 913 26.75 9.17 -35.49
N THR A 914 27.76 8.40 -35.15
CA THR A 914 27.58 7.01 -34.80
C THR A 914 26.72 6.89 -33.54
N PHE A 915 25.73 6.00 -33.62
CA PHE A 915 24.83 5.75 -32.48
C PHE A 915 25.50 4.80 -31.48
N LYS A 916 25.51 5.17 -30.19
CA LYS A 916 26.04 4.28 -29.18
C LYS A 916 25.12 4.32 -27.96
N GLN A 917 24.91 3.15 -27.36
CA GLN A 917 24.14 3.02 -26.15
C GLN A 917 24.95 2.14 -25.20
N ASP A 918 25.54 2.76 -24.18
CA ASP A 918 26.23 2.03 -23.12
C ASP A 918 25.32 1.75 -21.92
N PHE A 919 24.07 2.20 -22.05
CA PHE A 919 23.01 2.05 -21.02
C PHE A 919 23.27 2.77 -19.71
N GLU A 920 24.26 3.68 -19.71
CA GLU A 920 24.67 4.33 -18.46
C GLU A 920 23.84 5.57 -18.13
N ASN A 921 23.14 6.10 -19.12
CA ASN A 921 22.35 7.33 -18.92
C ASN A 921 20.99 7.27 -19.60
N VAL A 922 20.27 6.16 -19.41
CA VAL A 922 18.99 5.97 -20.08
C VAL A 922 17.95 6.83 -19.39
N ALA A 923 17.21 7.60 -20.19
CA ALA A 923 16.11 8.41 -19.67
C ALA A 923 15.03 7.51 -19.04
N GLN A 924 14.48 6.57 -19.83
CA GLN A 924 13.66 5.49 -19.28
C GLN A 924 13.54 4.37 -20.30
N GLY A 925 13.12 3.21 -19.79
CA GLY A 925 12.92 2.06 -20.66
C GLY A 925 14.21 1.47 -21.16
N ILE A 926 14.16 0.93 -22.38
CA ILE A 926 15.31 0.17 -22.90
C ILE A 926 15.74 0.70 -24.27
N PHE A 927 15.57 2.01 -24.45
CA PHE A 927 15.89 2.73 -25.69
C PHE A 927 17.27 2.35 -26.20
N PRO A 928 17.48 2.13 -27.52
CA PRO A 928 16.53 2.38 -28.59
C PRO A 928 15.50 1.26 -28.83
N PHE A 929 15.59 0.19 -28.06
CA PHE A 929 14.61 -0.87 -28.12
C PHE A 929 13.34 -0.47 -27.37
N VAL A 930 12.27 -1.19 -27.68
CA VAL A 930 11.06 -1.19 -26.86
C VAL A 930 10.73 -2.65 -26.58
N VAL A 931 10.15 -2.93 -25.41
CA VAL A 931 9.77 -4.32 -25.13
C VAL A 931 8.82 -4.89 -26.17
N GLY A 932 9.07 -6.15 -26.56
CA GLY A 932 8.19 -6.84 -27.50
C GLY A 932 7.12 -7.69 -26.79
N GLY A 933 6.47 -8.54 -27.59
CA GLY A 933 5.28 -9.28 -27.16
C GLY A 933 5.52 -10.66 -26.59
N VAL A 934 6.78 -11.00 -26.32
CA VAL A 934 7.17 -12.32 -25.80
C VAL A 934 6.32 -12.78 -24.61
N GLU A 935 6.00 -11.87 -23.69
CA GLU A 935 5.16 -12.18 -22.52
C GLU A 935 3.76 -11.56 -22.64
N GLY A 936 3.40 -11.08 -23.84
CA GLY A 936 2.18 -10.29 -23.98
C GLY A 936 2.33 -9.03 -23.15
N VAL A 937 1.21 -8.40 -22.82
CA VAL A 937 1.20 -7.22 -21.94
C VAL A 937 1.55 -7.70 -20.52
N GLU A 938 2.70 -7.25 -20.01
CA GLU A 938 3.28 -7.85 -18.81
C GLU A 938 4.15 -6.84 -18.08
N ASP A 939 4.44 -7.12 -16.82
CA ASP A 939 5.55 -6.42 -16.16
C ASP A 939 6.78 -7.11 -16.70
N ASN A 940 7.29 -6.52 -17.79
CA ASN A 940 8.16 -7.23 -18.70
C ASN A 940 9.43 -7.64 -17.99
N ARG A 941 9.87 -8.88 -18.20
CA ARG A 941 11.09 -9.37 -17.54
CA ARG A 941 11.08 -9.38 -17.53
C ARG A 941 12.41 -8.96 -18.19
N THR A 942 12.40 -7.78 -18.81
CA THR A 942 13.60 -7.18 -19.37
C THR A 942 13.72 -5.80 -18.69
N HIS A 943 14.90 -5.43 -18.21
CA HIS A 943 15.04 -4.12 -17.54
C HIS A 943 16.52 -3.74 -17.54
N LEU A 944 16.85 -2.59 -16.97
CA LEU A 944 18.26 -2.20 -16.88
C LEU A 944 18.85 -2.73 -15.59
N SER A 945 19.85 -3.61 -15.74
CA SER A 945 20.49 -4.22 -14.59
C SER A 945 21.54 -3.30 -14.01
N GLU A 946 21.63 -3.27 -12.67
CA GLU A 946 22.52 -2.38 -11.98
C GLU A 946 23.68 -3.19 -11.37
N LYS A 947 24.91 -2.69 -11.47
CA LYS A 947 26.04 -3.48 -10.96
C LYS A 947 26.18 -3.42 -9.43
N HIS A 948 26.45 -4.56 -8.81
CA HIS A 948 26.89 -4.59 -7.42
C HIS A 948 27.89 -5.73 -7.26
N ASP A 949 29.16 -5.40 -7.50
CA ASP A 949 30.30 -6.34 -7.34
CA ASP A 949 30.20 -6.40 -7.39
C ASP A 949 30.32 -6.82 -5.92
N PRO A 950 30.45 -8.13 -5.63
CA PRO A 950 30.61 -9.21 -6.60
C PRO A 950 29.27 -9.91 -6.91
N TYR A 951 28.22 -9.52 -6.21
CA TYR A 951 26.96 -10.32 -6.15
C TYR A 951 26.22 -10.44 -7.49
N THR A 952 26.31 -9.38 -8.30
CA THR A 952 25.65 -9.36 -9.61
C THR A 952 26.52 -9.99 -10.72
N GLN A 953 27.75 -10.38 -10.39
CA GLN A 953 28.72 -10.71 -11.43
C GLN A 953 29.14 -12.17 -11.37
N ARG A 954 29.72 -12.65 -12.47
CA ARG A 954 30.14 -14.04 -12.55
C ARG A 954 30.82 -14.50 -11.30
N GLY A 955 30.46 -15.70 -10.86
CA GLY A 955 31.18 -16.36 -9.79
C GLY A 955 30.48 -16.32 -8.43
N TRP A 956 29.66 -15.30 -8.16
CA TRP A 956 29.04 -15.19 -6.83
C TRP A 956 27.89 -16.20 -6.76
N ASN A 957 27.90 -17.10 -5.78
CA ASN A 957 26.89 -18.19 -5.72
C ASN A 957 26.79 -18.93 -7.07
N GLY A 958 27.94 -19.10 -7.73
CA GLY A 958 28.01 -19.88 -8.95
C GLY A 958 27.45 -19.18 -10.18
N LYS A 959 27.24 -17.86 -10.10
CA LYS A 959 26.62 -17.13 -11.22
C LYS A 959 27.44 -17.31 -12.50
N LYS A 960 26.78 -17.62 -13.62
CA LYS A 960 27.52 -17.99 -14.86
C LYS A 960 27.87 -16.80 -15.69
N VAL A 961 27.01 -15.77 -15.61
CA VAL A 961 27.12 -14.57 -16.46
C VAL A 961 26.99 -13.30 -15.61
N ASP A 962 27.55 -12.20 -16.10
CA ASP A 962 27.49 -10.90 -15.40
C ASP A 962 26.12 -10.28 -15.66
N ASP A 963 25.49 -9.73 -14.62
CA ASP A 963 24.35 -8.83 -14.84
C ASP A 963 24.78 -7.60 -15.63
N VAL A 964 25.99 -7.11 -15.33
CA VAL A 964 26.47 -5.90 -15.98
C VAL A 964 27.82 -6.13 -16.65
N ILE A 965 27.88 -5.82 -17.95
CA ILE A 965 29.03 -6.11 -18.79
C ILE A 965 30.07 -5.01 -18.64
N GLU A 966 29.65 -3.75 -18.72
CA GLU A 966 30.59 -2.65 -18.51
C GLU A 966 29.86 -1.47 -17.91
N GLY A 967 30.60 -0.68 -17.10
CA GLY A 967 30.01 0.46 -16.38
C GLY A 967 29.12 -0.08 -15.27
N ASN A 968 28.02 0.63 -14.98
CA ASN A 968 27.11 0.24 -13.91
C ASN A 968 25.81 -0.36 -14.40
N TRP A 969 25.57 -0.33 -15.71
CA TRP A 969 24.28 -0.72 -16.22
C TRP A 969 24.38 -1.56 -17.48
N SER A 970 23.52 -2.56 -17.60
CA SER A 970 23.34 -3.25 -18.88
C SER A 970 21.86 -3.47 -19.13
N LEU A 971 21.54 -4.13 -20.25
CA LEU A 971 20.17 -4.43 -20.61
C LEU A 971 19.98 -5.93 -20.35
N LYS A 972 19.19 -6.25 -19.32
CA LYS A 972 19.06 -7.63 -18.88
C LYS A 972 17.68 -8.21 -19.14
N THR A 973 17.67 -9.44 -19.64
CA THR A 973 16.46 -10.23 -19.81
C THR A 973 16.56 -11.46 -18.91
N ASN A 974 15.57 -11.64 -18.06
CA ASN A 974 15.59 -12.72 -17.08
C ASN A 974 14.66 -13.90 -17.45
N GLY A 975 15.26 -15.04 -17.80
CA GLY A 975 14.52 -16.31 -17.89
C GLY A 975 13.55 -16.49 -19.04
N LEU A 976 13.58 -15.60 -20.04
CA LEU A 976 12.64 -15.65 -21.15
C LEU A 976 13.12 -16.58 -22.28
N VAL A 977 13.38 -17.84 -21.92
CA VAL A 977 13.83 -18.85 -22.87
C VAL A 977 12.65 -19.65 -23.40
N SER A 978 12.79 -20.16 -24.62
CA SER A 978 11.88 -21.16 -25.20
C SER A 978 10.51 -20.60 -25.44
N ARG A 979 10.43 -19.30 -25.73
CA ARG A 979 9.15 -18.62 -25.90
CA ARG A 979 9.16 -18.63 -25.90
C ARG A 979 8.74 -18.43 -27.37
N ARG A 980 9.67 -18.65 -28.31
CA ARG A 980 9.40 -18.41 -29.76
C ARG A 980 8.70 -17.07 -30.00
N ASN A 981 9.34 -15.98 -29.57
CA ASN A 981 8.71 -14.71 -29.73
C ASN A 981 9.71 -13.59 -29.50
N LEU A 982 9.29 -12.37 -29.81
CA LEU A 982 10.25 -11.27 -29.85
C LEU A 982 10.37 -10.64 -28.45
N VAL A 983 11.59 -10.56 -27.93
CA VAL A 983 11.85 -10.01 -26.59
C VAL A 983 11.84 -8.49 -26.60
N TYR A 984 12.49 -7.90 -27.61
CA TYR A 984 12.47 -6.45 -27.81
C TYR A 984 12.98 -6.11 -29.21
N GLN A 985 12.67 -4.90 -29.68
CA GLN A 985 13.07 -4.44 -31.01
C GLN A 985 13.26 -2.92 -31.01
N THR A 986 14.10 -2.45 -31.95
CA THR A 986 14.16 -1.02 -32.23
C THR A 986 12.88 -0.69 -32.97
N ILE A 987 12.55 0.59 -32.99
CA ILE A 987 11.47 1.09 -33.83
C ILE A 987 12.06 2.33 -34.52
N PRO A 988 11.54 2.68 -35.71
CA PRO A 988 12.18 3.76 -36.47
C PRO A 988 12.25 5.12 -35.73
N GLN A 989 11.23 5.47 -34.92
CA GLN A 989 11.31 6.72 -34.15
C GLN A 989 12.51 6.73 -33.18
N ASN A 990 12.97 5.54 -32.77
CA ASN A 990 14.11 5.43 -31.86
C ASN A 990 15.42 5.26 -32.60
N PHE A 991 15.41 4.44 -33.65
CA PHE A 991 16.56 4.36 -34.52
C PHE A 991 16.07 3.96 -35.88
N ARG A 992 16.26 4.84 -36.88
CA ARG A 992 15.80 4.58 -38.23
C ARG A 992 16.94 4.00 -39.10
N PHE A 993 16.72 2.83 -39.68
CA PHE A 993 17.66 2.27 -40.64
C PHE A 993 17.21 2.83 -41.99
N GLU A 994 17.85 3.90 -42.43
CA GLU A 994 17.36 4.65 -43.60
CA GLU A 994 17.35 4.63 -43.61
C GLU A 994 17.37 3.75 -44.84
N ALA A 995 16.35 3.91 -45.68
CA ALA A 995 16.15 3.15 -46.91
C ALA A 995 17.42 3.11 -47.74
N GLY A 996 17.88 1.91 -48.06
CA GLY A 996 19.05 1.73 -48.91
C GLY A 996 20.40 1.97 -48.29
N LYS A 997 20.44 2.38 -47.02
CA LYS A 997 21.69 2.56 -46.34
C LYS A 997 22.07 1.34 -45.50
N THR A 998 23.37 1.14 -45.32
CA THR A 998 23.87 -0.05 -44.63
C THR A 998 24.58 0.33 -43.33
N TYR A 999 24.33 -0.47 -42.29
CA TYR A 999 24.83 -0.17 -40.93
C TYR A 999 25.48 -1.39 -40.34
N ARG A 1000 26.55 -1.16 -39.59
CA ARG A 1000 27.12 -2.20 -38.79
C ARG A 1000 26.53 -2.07 -37.38
N VAL A 1001 25.88 -3.13 -36.92
CA VAL A 1001 25.29 -3.21 -35.57
C VAL A 1001 26.21 -4.08 -34.73
N THR A 1002 26.73 -3.53 -33.63
CA THR A 1002 27.64 -4.29 -32.77
CA THR A 1002 27.66 -4.27 -32.78
C THR A 1002 27.16 -4.18 -31.33
N PHE A 1003 27.39 -5.22 -30.54
CA PHE A 1003 27.10 -5.17 -29.11
C PHE A 1003 27.87 -6.26 -28.44
N GLU A 1004 27.99 -6.12 -27.12
CA GLU A 1004 28.52 -7.19 -26.32
C GLU A 1004 27.34 -7.87 -25.62
N TYR A 1005 27.47 -9.15 -25.33
CA TYR A 1005 26.34 -9.84 -24.72
C TYR A 1005 26.80 -10.96 -23.81
N GLU A 1006 25.98 -11.26 -22.80
CA GLU A 1006 26.12 -12.50 -22.06
C GLU A 1006 24.91 -13.35 -22.41
N ALA A 1007 25.10 -14.67 -22.51
CA ALA A 1007 23.95 -15.57 -22.65
C ALA A 1007 24.24 -16.82 -21.87
N GLY A 1008 23.28 -17.26 -21.05
CA GLY A 1008 23.56 -18.39 -20.16
C GLY A 1008 23.52 -19.77 -20.83
N SER A 1009 22.90 -19.87 -22.00
CA SER A 1009 22.81 -21.12 -22.74
C SER A 1009 22.94 -20.89 -24.25
N ASP A 1010 23.28 -21.95 -25.00
CA ASP A 1010 23.41 -21.86 -26.46
C ASP A 1010 22.09 -21.72 -27.15
N ASN A 1011 21.99 -20.73 -28.03
CA ASN A 1011 20.88 -20.62 -28.97
C ASN A 1011 19.51 -20.50 -28.36
N THR A 1012 19.48 -19.98 -27.13
CA THR A 1012 18.22 -19.65 -26.49
C THR A 1012 17.71 -18.28 -26.96
N TYR A 1013 18.64 -17.37 -27.23
CA TYR A 1013 18.33 -16.05 -27.72
C TYR A 1013 19.01 -15.85 -29.08
N ALA A 1014 18.39 -15.01 -29.91
CA ALA A 1014 18.89 -14.74 -31.27
C ALA A 1014 18.83 -13.25 -31.56
N PHE A 1015 19.85 -12.75 -32.24
CA PHE A 1015 19.76 -11.39 -32.78
C PHE A 1015 18.90 -11.50 -34.04
N VAL A 1016 17.94 -10.61 -34.23
CA VAL A 1016 17.07 -10.70 -35.42
C VAL A 1016 16.97 -9.37 -36.15
N VAL A 1017 16.73 -9.46 -37.47
CA VAL A 1017 16.44 -8.29 -38.30
C VAL A 1017 15.07 -8.48 -38.90
N GLY A 1018 14.21 -7.47 -38.75
CA GLY A 1018 12.89 -7.52 -39.32
C GLY A 1018 12.53 -6.21 -39.99
N LYS A 1019 11.31 -6.12 -40.49
CA LYS A 1019 10.78 -4.85 -40.98
C LYS A 1019 9.28 -4.87 -40.86
N GLY A 1020 8.68 -3.68 -40.70
CA GLY A 1020 7.23 -3.61 -40.52
C GLY A 1020 6.78 -4.17 -39.17
N GLU A 1021 5.49 -4.42 -39.04
CA GLU A 1021 4.95 -4.89 -37.78
C GLU A 1021 5.24 -6.39 -37.58
N PHE A 1022 5.79 -6.75 -36.43
CA PHE A 1022 6.08 -8.15 -36.18
C PHE A 1022 4.81 -8.98 -35.94
N GLN A 1023 4.68 -10.11 -36.63
CA GLN A 1023 3.59 -11.05 -36.34
C GLN A 1023 4.21 -12.39 -35.92
N SER A 1024 3.86 -12.90 -34.74
CA SER A 1024 4.43 -14.18 -34.28
C SER A 1024 3.88 -15.41 -35.03
N GLN A 1030 0.00 -15.99 -39.61
CA GLN A 1030 0.97 -15.56 -40.61
C GLN A 1030 2.20 -14.90 -39.96
N ALA A 1031 3.22 -15.71 -39.66
CA ALA A 1031 4.42 -15.27 -38.91
C ALA A 1031 5.35 -14.41 -39.78
N SER A 1032 5.98 -13.39 -39.19
CA SER A 1032 6.84 -12.52 -39.96
C SER A 1032 8.15 -13.20 -40.34
N ASN A 1033 8.65 -12.91 -41.53
CA ASN A 1033 10.03 -13.30 -41.89
C ASN A 1033 10.99 -12.56 -40.95
N LEU A 1034 11.98 -13.26 -40.43
CA LEU A 1034 13.06 -12.61 -39.70
C LEU A 1034 14.38 -13.18 -40.17
N GLU A 1035 15.38 -12.33 -40.24
CA GLU A 1035 16.73 -12.80 -40.38
C GLU A 1035 17.20 -13.19 -38.98
N MET A 1036 17.60 -14.45 -38.82
CA MET A 1036 17.77 -15.06 -37.50
C MET A 1036 19.22 -15.39 -37.22
N HIS A 1037 19.79 -14.88 -36.12
CA HIS A 1037 21.15 -15.22 -35.75
C HIS A 1037 21.16 -15.75 -34.30
N GLU A 1038 21.04 -17.07 -34.14
CA GLU A 1038 21.12 -17.68 -32.81
C GLU A 1038 22.48 -17.44 -32.15
N LEU A 1039 22.48 -17.13 -30.85
CA LEU A 1039 23.71 -16.77 -30.19
C LEU A 1039 24.18 -17.84 -29.23
N PRO A 1040 25.48 -18.15 -29.26
CA PRO A 1040 25.98 -19.18 -28.34
C PRO A 1040 26.08 -18.66 -26.90
N ASN A 1041 26.11 -19.57 -25.93
CA ASN A 1041 26.42 -19.14 -24.56
C ASN A 1041 27.81 -18.46 -24.49
N THR A 1042 28.00 -17.62 -23.47
CA THR A 1042 29.21 -16.79 -23.39
C THR A 1042 30.15 -17.15 -22.28
N TRP A 1043 29.88 -18.25 -21.56
CA TRP A 1043 30.71 -18.56 -20.39
C TRP A 1043 31.44 -19.90 -20.44
N THR A 1044 30.94 -20.87 -21.21
CA THR A 1044 31.64 -22.17 -21.18
C THR A 1044 33.06 -22.07 -21.75
N ASP A 1045 33.29 -21.12 -22.65
CA ASP A 1045 34.58 -21.00 -23.32
C ASP A 1045 35.06 -19.57 -23.34
N SER A 1046 34.60 -18.77 -22.38
CA SER A 1046 34.98 -17.37 -22.34
C SER A 1046 34.85 -16.84 -20.92
N LYS A 1047 35.72 -15.91 -20.55
CA LYS A 1047 35.69 -15.38 -19.18
C LYS A 1047 34.85 -14.11 -19.11
N LYS A 1048 34.33 -13.66 -20.24
CA LYS A 1048 33.53 -12.44 -20.29
C LYS A 1048 32.58 -12.46 -21.50
N ALA A 1049 31.74 -11.42 -21.55
CA ALA A 1049 30.76 -11.19 -22.61
C ALA A 1049 31.42 -11.32 -23.97
N LYS A 1050 30.70 -11.85 -24.95
CA LYS A 1050 31.24 -11.95 -26.29
C LYS A 1050 30.76 -10.76 -27.10
N LYS A 1051 31.47 -10.44 -28.18
CA LYS A 1051 31.08 -9.34 -29.05
C LYS A 1051 30.42 -9.91 -30.29
N ALA A 1052 29.33 -9.30 -30.73
CA ALA A 1052 28.62 -9.73 -31.92
C ALA A 1052 28.53 -8.56 -32.90
N THR A 1053 28.58 -8.85 -34.20
CA THR A 1053 28.56 -7.79 -35.20
C THR A 1053 27.76 -8.23 -36.42
N PHE A 1054 26.91 -7.34 -36.94
CA PHE A 1054 25.97 -7.70 -37.99
C PHE A 1054 25.82 -6.53 -38.95
N LEU A 1055 25.74 -6.83 -40.26
CA LEU A 1055 25.42 -5.82 -41.25
C LEU A 1055 23.94 -5.80 -41.53
N VAL A 1056 23.36 -4.61 -41.58
CA VAL A 1056 21.92 -4.43 -41.80
C VAL A 1056 21.71 -3.31 -42.80
N THR A 1057 20.98 -3.58 -43.88
CA THR A 1057 20.62 -2.55 -44.87
C THR A 1057 19.14 -2.18 -44.68
N GLY A 1058 18.85 -0.89 -44.56
CA GLY A 1058 17.48 -0.45 -44.40
C GLY A 1058 16.64 -0.79 -45.61
N ALA A 1059 15.50 -1.43 -45.37
CA ALA A 1059 14.53 -1.69 -46.42
C ALA A 1059 14.00 -0.36 -46.99
N GLU A 1060 13.53 -0.40 -48.24
CA GLU A 1060 13.11 0.80 -48.96
C GLU A 1060 11.89 1.44 -48.28
N THR A 1061 11.11 0.62 -47.59
CA THR A 1061 9.93 1.07 -46.85
C THR A 1061 10.29 1.83 -45.54
N GLY A 1062 11.56 1.90 -45.18
CA GLY A 1062 12.00 2.73 -44.03
C GLY A 1062 11.72 2.12 -42.66
N ASP A 1063 11.15 0.92 -42.65
CA ASP A 1063 10.65 0.25 -41.43
C ASP A 1063 11.46 -0.96 -40.93
N THR A 1064 12.75 -1.01 -41.29
CA THR A 1064 13.67 -2.03 -40.79
C THR A 1064 13.92 -1.84 -39.28
N TRP A 1065 14.04 -2.95 -38.57
CA TRP A 1065 14.42 -2.88 -37.17
C TRP A 1065 15.26 -4.08 -36.81
N VAL A 1066 15.90 -4.00 -35.66
CA VAL A 1066 16.66 -5.14 -35.14
C VAL A 1066 16.21 -5.46 -33.69
N GLY A 1067 16.44 -6.67 -33.24
CA GLY A 1067 16.03 -6.97 -31.88
C GLY A 1067 16.58 -8.29 -31.39
N ILE A 1068 16.01 -8.75 -30.29
CA ILE A 1068 16.43 -9.99 -29.64
C ILE A 1068 15.17 -10.86 -29.53
N TYR A 1069 15.34 -12.11 -29.92
CA TYR A 1069 14.22 -13.04 -30.07
C TYR A 1069 14.49 -14.25 -29.16
N SER A 1070 13.43 -14.76 -28.52
CA SER A 1070 13.54 -15.95 -27.68
C SER A 1070 13.20 -17.12 -28.57
N THR A 1071 14.16 -18.01 -28.80
CA THR A 1071 13.96 -19.11 -29.74
C THR A 1071 13.09 -20.21 -29.16
N GLY A 1072 12.87 -21.26 -29.96
CA GLY A 1072 12.12 -22.43 -29.55
C GLY A 1072 12.99 -23.42 -28.81
N ASN A 1073 14.30 -23.21 -28.76
CA ASN A 1073 15.19 -24.17 -28.12
C ASN A 1073 15.07 -24.20 -26.60
N ALA A 1074 15.19 -25.40 -26.04
CA ALA A 1074 15.27 -25.54 -24.57
C ALA A 1074 16.61 -24.99 -24.09
N SER A 1075 16.58 -24.34 -22.94
CA SER A 1075 17.78 -23.90 -22.26
CA SER A 1075 17.81 -23.91 -22.28
C SER A 1075 18.44 -25.08 -21.54
N ASN A 1076 19.63 -24.85 -21.00
CA ASN A 1076 20.35 -25.92 -20.33
C ASN A 1076 20.76 -25.44 -18.94
N THR A 1077 20.12 -25.95 -17.89
CA THR A 1077 20.48 -25.52 -16.53
C THR A 1077 21.54 -26.40 -15.90
N ARG A 1078 22.17 -27.24 -16.73
CA ARG A 1078 23.38 -28.00 -16.35
C ARG A 1078 23.25 -28.82 -15.07
N GLY A 1079 22.07 -29.37 -14.83
CA GLY A 1079 21.83 -30.18 -13.63
C GLY A 1079 21.36 -29.39 -12.43
N ASP A 1080 21.42 -28.05 -12.51
CA ASP A 1080 20.87 -27.18 -11.46
C ASP A 1080 19.35 -27.09 -11.61
N SER A 1081 18.66 -26.66 -10.55
CA SER A 1081 17.21 -26.57 -10.60
C SER A 1081 16.74 -25.42 -9.71
N GLY A 1082 15.47 -25.04 -9.83
CA GLY A 1082 14.84 -24.13 -8.87
C GLY A 1082 15.61 -22.83 -8.76
N GLY A 1083 15.73 -22.32 -7.53
CA GLY A 1083 16.39 -21.04 -7.28
C GLY A 1083 17.81 -20.95 -7.80
N ASN A 1084 18.63 -21.98 -7.59
CA ASN A 1084 20.00 -21.94 -8.10
C ASN A 1084 19.98 -21.76 -9.63
N ALA A 1085 19.11 -22.50 -10.31
CA ALA A 1085 19.06 -22.41 -11.79
C ALA A 1085 18.62 -21.02 -12.23
N ASN A 1086 17.66 -20.44 -11.53
CA ASN A 1086 17.22 -19.06 -11.85
C ASN A 1086 18.32 -18.05 -11.56
N PHE A 1087 19.00 -18.22 -10.44
CA PHE A 1087 19.98 -17.23 -10.03
C PHE A 1087 21.16 -17.19 -10.99
N ARG A 1088 21.64 -18.38 -11.38
CA ARG A 1088 22.94 -18.47 -12.05
C ARG A 1088 22.96 -18.03 -13.52
N GLY A 1089 21.79 -17.83 -14.12
CA GLY A 1089 21.73 -17.14 -15.39
C GLY A 1089 21.75 -18.00 -16.63
N TYR A 1090 21.58 -19.31 -16.47
CA TYR A 1090 21.43 -20.22 -17.62
C TYR A 1090 20.39 -19.71 -18.62
N ASN A 1091 19.34 -19.10 -18.08
CA ASN A 1091 18.20 -18.71 -18.90
C ASN A 1091 18.20 -17.22 -19.19
N ASP A 1092 19.32 -16.55 -18.92
CA ASP A 1092 19.39 -15.09 -19.06
C ASP A 1092 20.11 -14.60 -20.29
N PHE A 1093 19.86 -13.33 -20.63
CA PHE A 1093 20.56 -12.69 -21.73
C PHE A 1093 20.82 -11.25 -21.29
N MET A 1094 22.04 -10.75 -21.51
CA MET A 1094 22.38 -9.36 -21.19
C MET A 1094 23.06 -8.74 -22.40
N MET A 1095 22.70 -7.49 -22.71
CA MET A 1095 23.35 -6.71 -23.78
C MET A 1095 23.97 -5.45 -23.21
N ASP A 1096 25.10 -5.03 -23.79
CA ASP A 1096 25.68 -3.74 -23.40
C ASP A 1096 26.45 -3.20 -24.59
N ASN A 1097 26.86 -1.94 -24.50
CA ASN A 1097 27.70 -1.34 -25.55
C ASN A 1097 27.19 -1.55 -26.96
N LEU A 1098 25.92 -1.23 -27.19
CA LEU A 1098 25.37 -1.25 -28.50
C LEU A 1098 25.94 -0.10 -29.32
N GLN A 1099 26.29 -0.40 -30.56
CA GLN A 1099 26.77 0.63 -31.52
C GLN A 1099 26.13 0.36 -32.87
N ILE A 1100 25.64 1.42 -33.50
CA ILE A 1100 25.07 1.28 -34.83
C ILE A 1100 25.69 2.38 -35.68
N GLU A 1101 26.47 1.97 -36.67
CA GLU A 1101 27.29 2.87 -37.48
C GLU A 1101 26.93 2.72 -38.97
N GLU A 1102 26.61 3.85 -39.60
CA GLU A 1102 26.36 3.85 -41.05
C GLU A 1102 27.69 3.61 -41.74
N ILE A 1103 27.75 2.66 -42.67
CA ILE A 1103 29.03 2.35 -43.32
C ILE A 1103 28.86 2.20 -44.81
N THR A 1104 29.96 2.21 -45.54
CA THR A 1104 29.86 1.93 -46.96
C THR A 1104 30.62 0.64 -47.16
N LEU A 1105 29.98 -0.36 -47.73
CA LEU A 1105 30.60 -1.68 -47.92
C LEU A 1105 31.77 -1.60 -48.90
N THR A 1106 32.97 -1.87 -48.40
CA THR A 1106 34.18 -1.93 -49.24
C THR A 1106 35.00 -3.14 -48.84
N GLY A 1107 35.94 -3.54 -49.72
CA GLY A 1107 36.91 -4.60 -49.40
C GLY A 1107 36.27 -5.90 -48.90
N LYS A 1108 36.72 -6.35 -47.73
CA LYS A 1108 36.18 -7.58 -47.18
C LYS A 1108 34.78 -7.47 -46.55
N MET A 1109 34.32 -6.24 -46.31
CA MET A 1109 32.94 -6.04 -45.84
C MET A 1109 32.00 -6.71 -46.84
N LEU A 1110 32.36 -6.60 -48.12
CA LEU A 1110 31.55 -7.18 -49.20
C LEU A 1110 31.30 -8.69 -49.07
N THR A 1111 32.27 -9.42 -48.52
CA THR A 1111 32.18 -10.88 -48.37
C THR A 1111 32.00 -11.24 -46.91
O6 MGC B . 5.86 -15.36 -5.47
O6 MGC B . 7.33 -10.85 -2.99
C6 MGC B . 5.43 -14.17 -6.11
C6 MGC B . 7.09 -9.85 -3.99
C5 MGC B . 4.47 -14.55 -7.23
C5 MGC B . 5.60 -9.90 -4.34
O5 MGC B . 3.27 -15.12 -6.67
O5 MGC B . 4.92 -9.11 -3.36
C1 MGC B . 2.36 -15.67 -7.62
C1 MGC B . 3.56 -9.36 -3.56
O1 MGC B . 3.05 -16.70 -8.37
O1 MGC B . 3.55 -10.75 -3.78
CM MGC B . 3.35 -17.89 -7.63
CM MGC B . 4.57 -11.33 -2.99
C2 MGC B . 1.86 -14.50 -8.49
C2 MGC B . 3.03 -8.75 -4.84
N2 MGC B . 0.90 -15.00 -9.50
N2 MGC B . 1.73 -9.38 -4.82
C7 MGC B . 1.00 -15.56 -10.66
C7 MGC B . 0.98 -9.07 -3.85
O7 MGC B . -0.03 -15.87 -11.25
O7 MGC B . 1.34 -8.27 -3.00
C8 MGC B . 2.33 -15.87 -11.32
C8 MGC B . -0.37 -9.73 -3.81
C3 MGC B . 3.01 -13.71 -9.15
C3 MGC B . 3.78 -9.33 -6.02
O3 MGC B . 2.48 -12.51 -9.76
O3 MGC B . 3.43 -8.46 -7.12
C4 MGC B . 4.13 -13.37 -8.15
C4 MGC B . 5.26 -9.26 -5.68
O4 MGC B . 3.74 -12.23 -7.35
O4 MGC B . 5.54 -7.90 -5.48
C1 GAL B . 3.24 -12.14 -10.91
C1 GAL B . 3.90 -8.85 -8.39
C2 GAL B . 2.30 -11.53 -11.97
C2 GAL B . 3.01 -8.32 -9.53
C3 GAL B . 3.05 -10.78 -13.09
C3 GAL B . 3.63 -8.71 -10.86
C4 GAL B . 4.25 -9.96 -12.58
C4 GAL B . 4.97 -8.04 -10.91
C5 GAL B . 5.09 -10.68 -11.51
C5 GAL B . 5.82 -8.55 -9.75
C6 GAL B . 6.08 -9.73 -10.83
C6 GAL B . 7.22 -7.94 -9.77
O2 GAL B . 1.50 -12.59 -12.53
O2 GAL B . 1.75 -8.94 -9.48
O3 GAL B . 2.12 -9.91 -13.79
O3 GAL B . 2.82 -8.31 -11.98
O4 GAL B . 3.80 -8.72 -12.00
O4 GAL B . 4.71 -6.63 -10.81
O5 GAL B . 4.24 -11.19 -10.48
O5 GAL B . 5.17 -8.23 -8.52
O6 GAL B . 6.82 -10.46 -9.85
O6 GAL B . 8.20 -8.72 -9.07
CA CA C . -25.31 0.69 27.47
MN MN D . 17.69 -5.42 -11.57
CA CA E . 27.00 -0.40 -19.61
CA CA F . -3.79 11.62 -21.33
C1 CIT G . -5.65 -10.68 -25.32
O1 CIT G . -6.65 -10.19 -25.90
O2 CIT G . -5.61 -11.84 -24.90
C2 CIT G . -4.42 -9.81 -25.10
C3 CIT G . -4.44 -8.55 -25.90
O7 CIT G . -5.20 -8.48 -27.09
C4 CIT G . -3.31 -7.62 -26.03
C5 CIT G . -2.13 -8.29 -26.68
O3 CIT G . -1.35 -9.03 -26.02
O4 CIT G . -1.99 -8.04 -27.87
C6 CIT G . -5.45 -7.78 -25.01
O5 CIT G . -5.44 -7.95 -23.75
O6 CIT G . -6.33 -7.02 -25.49
C1 CIT H . -3.38 9.83 -46.44
O1 CIT H . -2.17 9.86 -46.15
O2 CIT H . -3.93 10.78 -47.03
C2 CIT H . -4.23 8.62 -46.10
C3 CIT H . -3.56 7.43 -45.45
O7 CIT H . -4.58 6.62 -44.88
C4 CIT H . -2.92 6.62 -46.58
C5 CIT H . -1.49 6.96 -46.93
O3 CIT H . -0.85 6.04 -47.43
O4 CIT H . -0.98 8.09 -46.74
C6 CIT H . -2.69 7.76 -44.23
O5 CIT H . -1.72 7.05 -44.00
O6 CIT H . -2.99 8.73 -43.47
C1 EDO I . 28.61 1.53 -27.25
O1 EDO I . 29.84 1.28 -27.97
C2 EDO I . 28.96 2.14 -25.90
O2 EDO I . 29.76 3.34 -25.98
C1 EDO J . 23.06 -24.72 -23.56
O1 EDO J . 24.37 -24.15 -23.46
C2 EDO J . 23.01 -26.06 -24.31
O2 EDO J . 24.09 -26.93 -23.87
C1 EDO K . -13.03 10.58 15.86
O1 EDO K . -12.23 11.64 15.34
C2 EDO K . -13.92 10.05 14.74
O2 EDO K . -13.07 9.72 13.64
C1 EDO L . -14.55 9.51 34.26
O1 EDO L . -14.79 9.68 35.68
C2 EDO L . -13.83 10.70 33.68
O2 EDO L . -14.49 11.90 34.12
C1 EDO M . -14.11 -20.68 22.86
O1 EDO M . -14.83 -20.05 23.92
C2 EDO M . -13.03 -21.58 23.43
O2 EDO M . -13.00 -21.42 24.87
C1 EDO N . 24.33 -19.08 11.96
O1 EDO N . 23.06 -19.58 11.52
C2 EDO N . 24.49 -17.71 11.33
O2 EDO N . 25.35 -16.93 12.16
C1 EDO O . -10.69 11.16 -17.74
O1 EDO O . -10.86 12.60 -17.86
C2 EDO O . -11.98 10.45 -18.07
O2 EDO O . -12.25 10.53 -19.46
C1 EDO P . -18.49 9.00 -13.19
O1 EDO P . -18.50 10.38 -13.54
C2 EDO P . -17.20 8.43 -13.72
O2 EDO P . -17.32 8.38 -15.14
C1 EDO Q . -7.39 12.22 38.17
O1 EDO Q . -8.60 12.94 38.42
C2 EDO Q . -7.06 11.28 39.33
O2 EDO Q . -8.18 10.48 39.66
C1 EDO R . 8.10 0.51 46.82
O1 EDO R . 8.50 1.87 46.66
C2 EDO R . 8.62 0.05 48.16
O2 EDO R . 10.03 0.32 48.12
C1 EDO S . -10.98 -13.96 40.11
O1 EDO S . -11.07 -12.80 40.93
C2 EDO S . -11.09 -15.13 41.08
O2 EDO S . -9.93 -15.09 41.93
C1 EDO T . 15.76 7.44 -23.79
O1 EDO T . 15.24 6.46 -22.89
C2 EDO T . 17.26 7.26 -23.95
O2 EDO T . 17.91 7.89 -22.86
C1 EDO U . 20.28 -12.68 -10.24
O1 EDO U . 19.31 -13.22 -11.12
C2 EDO U . 19.86 -11.25 -9.94
O2 EDO U . 20.93 -10.27 -10.05
C1 EDO V . -24.66 2.05 -2.68
O1 EDO V . -24.38 3.36 -2.16
C2 EDO V . -25.27 1.08 -1.64
O2 EDO V . -24.60 1.09 -0.35
C1 EDO W . -13.80 6.88 29.78
O1 EDO W . -14.84 6.48 30.71
C2 EDO W . -12.81 7.70 30.62
O2 EDO W . -11.96 6.87 31.42
C1 EDO X . -1.49 -8.02 35.66
O1 EDO X . -1.83 -8.40 37.00
C2 EDO X . -1.63 -9.27 34.78
O2 EDO X . -3.02 -9.53 34.58
C1 EDO Y . 26.19 20.85 -19.91
O1 EDO Y . 27.55 20.68 -19.52
C2 EDO Y . 26.18 21.27 -21.39
O2 EDO Y . 27.23 22.20 -21.65
C1 EDO Z . -2.12 3.32 25.98
O1 EDO Z . -2.64 3.45 27.29
C2 EDO Z . -0.71 3.86 25.99
O2 EDO Z . -0.88 5.28 25.91
C1 EDO AA . -0.34 6.69 35.12
O1 EDO AA . 0.42 7.84 35.49
C2 EDO AA . 0.05 6.39 33.68
O2 EDO AA . 0.21 5.00 33.52
C1 EDO BA . -5.50 9.14 -17.21
O1 EDO BA . -4.54 8.68 -16.23
C2 EDO BA . -6.87 9.04 -16.54
O2 EDO BA . -7.96 9.11 -17.48
C1 EDO CA . -33.53 18.23 -11.21
O1 EDO CA . -32.64 18.17 -12.32
C2 EDO CA . -33.18 16.99 -10.42
O2 EDO CA . -33.70 15.88 -11.16
C1 EDO DA . 4.42 29.48 -28.25
O1 EDO DA . 4.07 29.83 -29.59
C2 EDO DA . 5.93 29.59 -28.13
O2 EDO DA . 6.28 30.96 -27.90
C1 EDO EA . -0.46 -15.14 11.88
O1 EDO EA . -1.34 -14.76 12.97
C2 EDO EA . -1.27 -15.58 10.68
O2 EDO EA . -1.97 -16.77 11.01
C1 EDO FA . -22.66 15.50 10.22
O1 EDO FA . -22.64 15.44 8.76
C2 EDO FA . -21.30 15.81 10.84
O2 EDO FA . -20.74 16.99 10.22
C1 EDO GA . 13.31 3.77 17.19
O1 EDO GA . 13.29 4.85 18.13
C2 EDO GA . 11.95 3.10 17.28
O2 EDO GA . 11.49 3.08 18.63
C1 EDO HA . -1.21 29.15 -18.42
O1 EDO HA . -0.63 28.56 -19.60
C2 EDO HA . -2.71 28.82 -18.30
O2 EDO HA . -3.19 28.19 -19.50
C1 EDO IA . -12.37 20.71 -6.19
O1 EDO IA . -11.99 21.76 -7.07
C2 EDO IA . -12.27 21.21 -4.76
O2 EDO IA . -13.59 21.53 -4.31
C1 EDO JA . 36.69 -19.59 -19.15
O1 EDO JA . 37.09 -19.59 -20.51
C2 EDO JA . 35.75 -20.76 -18.95
O2 EDO JA . 36.57 -21.92 -19.00
C1 EDO KA . -36.06 7.62 -2.09
O1 EDO KA . -36.76 8.85 -2.29
C2 EDO KA . -35.53 7.55 -0.66
O2 EDO KA . -34.85 8.77 -0.39
C1 EDO LA . 15.79 -28.03 -29.20
O1 EDO LA . 15.75 -27.50 -27.86
C2 EDO LA . 17.24 -28.37 -29.57
O2 EDO LA . 17.26 -29.59 -30.35
C1 EDO MA . -24.58 -7.33 40.28
O1 EDO MA . -25.23 -8.32 41.09
C2 EDO MA . -25.22 -5.96 40.50
O2 EDO MA . -26.59 -6.02 40.14
#